data_8CDP
#
_entry.id   8CDP
#
_cell.length_a   1.00
_cell.length_b   1.00
_cell.length_c   1.00
_cell.angle_alpha   90.00
_cell.angle_beta   90.00
_cell.angle_gamma   90.00
#
_symmetry.space_group_name_H-M   'P 1'
#
loop_
_entity.id
_entity.type
_entity.pdbx_description
1 polymer Guide_RNA_associated_protein_-_putative
2 polymer 'Mitochondrial guide RNA binding complex subunit 2'
#
loop_
_entity_poly.entity_id
_entity_poly.type
_entity_poly.pdbx_seq_one_letter_code
_entity_poly.pdbx_strand_id
1 'polypeptide(L)'
;MKHHHHHHSAGLEVLFQGPDSMQNQGSVSQGALNMRDQQAAAAENVTPERVWALWNEGNLFSLSLAQLQGFLSRCGVRTD
PAAKKAAVVRQVEEYLHSKDTTVKGGGQGAASPQQHQQHGQQGGYGRWNQASVMQPETLLDLSQAGFYEGAANMVPKAFQ
LLVSDTAPDVVVSRVNTTAFPGFPSNTECYTLGASEKDVAIRSRYSKVLQWCCLNMSNLQMDGELYVDFGKLLLKPSVMR
KNRRIVSSYTLQQRLQVNHPYTWVPTLPESCLSKIQEQFLQPEGFAPIGKGVQLTYSGTIKRSKDQLHVDLDNKGKVLAV
NSAWVNLQTAWCTHAKGPDVRLLLRSRPPIRRQDVELFASTPIIKLADDDVADVLPPEHGQLVYLSEDETRLFERVSDRG
VTITVREVKRQPLIILRDEEEDPRVEYSLSAHIPANAAKATDVRAVGLTAFELAGRLAGLVAEDFVREYGCEAKL
;
A
2 'polypeptide(L)'
;MQSFSAAAPAASGDFSHITRNTVWGLWNEGNLFSLSVPELAFFLQEHCRVANVDPRAKKSALVRQVEEILSAEQQASATV
PQEDNPHAIVVTDYDRAEDALEEADEYGDWGAEPGFEDRRELDFMELSPGRMGERYDPLSPRAFQLLHSETATDVGIASI
DPSKLPGQSKVKNALAAIHVAPNDANKMRFRMAFEWCLMNIWNMNMPGELNIGAGKALYYRSVAKQNRNVMPLWTVQKHL
YAQHPYAWFAIASESNVAAMESLAAALNMSIQQERTTSYKVTIRRMAEFFDCELNGQLKCTMMNKPWDRFFVSHYIRSKM
PDLRYVVRARHPIKKRIADAYLEADILRSTRDSVQSVLSPELGDVVYCCERVVRKWAKKTATGVTLQLVETKRTPLIITK
AGDEGERLEYEWIVPLPQQAERIDIAALTDELWEYGNKLAAALEEGMEELMVHTMTAVSAY
;
B
#
# COMPACT_ATOMS: atom_id res chain seq x y z
N MET A 154 2.84 -10.16 -27.91
CA MET A 154 3.56 -11.41 -28.17
C MET A 154 4.20 -11.94 -26.90
N VAL A 155 4.50 -11.05 -25.96
CA VAL A 155 5.14 -11.42 -24.71
C VAL A 155 4.66 -10.50 -23.60
N PRO A 156 4.30 -11.03 -22.43
CA PRO A 156 3.90 -10.15 -21.33
C PRO A 156 5.04 -9.28 -20.84
N LYS A 157 4.68 -8.10 -20.35
CA LYS A 157 5.64 -7.17 -19.78
C LYS A 157 5.14 -6.72 -18.40
N ALA A 158 6.09 -6.40 -17.53
CA ALA A 158 5.76 -6.08 -16.14
C ALA A 158 6.35 -4.73 -15.76
N PHE A 159 5.56 -3.94 -15.05
CA PHE A 159 5.98 -2.65 -14.52
C PHE A 159 5.77 -2.67 -13.02
N GLN A 160 6.76 -2.20 -12.26
CA GLN A 160 6.69 -2.21 -10.82
C GLN A 160 7.30 -0.94 -10.24
N LEU A 161 6.63 -0.36 -9.25
CA LEU A 161 7.18 0.73 -8.46
C LEU A 161 7.35 0.21 -7.04
N LEU A 162 8.56 -0.22 -6.71
CA LEU A 162 8.85 -0.85 -5.41
C LEU A 162 9.46 0.20 -4.49
N VAL A 163 8.60 0.98 -3.87
CA VAL A 163 9.05 2.00 -2.92
C VAL A 163 9.58 1.33 -1.66
N SER A 164 10.72 1.80 -1.18
CA SER A 164 11.36 1.20 -0.02
C SER A 164 10.62 1.58 1.26
N ASP A 165 10.96 0.88 2.35
CA ASP A 165 10.42 1.14 3.68
C ASP A 165 8.89 1.01 3.71
N THR A 166 8.34 0.17 2.85
CA THR A 166 6.90 -0.10 2.84
C THR A 166 6.68 -1.60 2.96
N ALA A 167 5.70 -1.98 3.78
CA ALA A 167 5.38 -3.38 4.02
C ALA A 167 3.89 -3.58 3.78
N PRO A 168 3.48 -3.67 2.51
CA PRO A 168 2.05 -3.83 2.20
C PRO A 168 1.47 -5.16 2.65
N ASP A 169 2.29 -6.09 3.11
CA ASP A 169 1.84 -7.44 3.46
C ASP A 169 1.75 -7.60 4.97
N VAL A 170 1.02 -8.62 5.39
CA VAL A 170 0.82 -8.92 6.80
C VAL A 170 1.03 -10.41 7.03
N VAL A 171 1.73 -10.74 8.10
CA VAL A 171 1.99 -12.14 8.46
C VAL A 171 0.72 -12.75 9.03
N VAL A 172 0.33 -13.91 8.50
CA VAL A 172 -0.87 -14.61 8.96
C VAL A 172 -0.40 -15.61 10.01
N SER A 173 -0.43 -15.19 11.28
CA SER A 173 0.05 -16.04 12.36
C SER A 173 -1.12 -16.80 12.97
N ARG A 174 -1.07 -18.13 12.85
CA ARG A 174 -2.13 -18.96 13.41
C ARG A 174 -2.05 -18.98 14.93
N VAL A 175 -3.21 -19.06 15.57
CA VAL A 175 -3.31 -19.15 17.02
C VAL A 175 -4.15 -20.37 17.37
N ASN A 176 -3.67 -21.15 18.34
CA ASN A 176 -4.40 -22.34 18.78
C ASN A 176 -5.59 -21.95 19.64
N THR A 177 -6.60 -22.83 19.65
CA THR A 177 -7.80 -22.61 20.44
C THR A 177 -7.72 -23.34 21.77
N THR A 187 -12.45 -24.51 10.98
CA THR A 187 -11.17 -25.14 10.75
C THR A 187 -10.04 -24.35 11.40
N GLU A 188 -9.08 -23.91 10.60
CA GLU A 188 -7.95 -23.16 11.12
C GLU A 188 -8.38 -21.75 11.49
N CYS A 189 -7.55 -21.11 12.31
CA CYS A 189 -7.79 -19.73 12.75
C CYS A 189 -6.46 -18.99 12.76
N TYR A 190 -6.54 -17.66 12.68
CA TYR A 190 -5.32 -16.88 12.57
C TYR A 190 -5.60 -15.44 12.98
N THR A 191 -4.51 -14.71 13.20
CA THR A 191 -4.54 -13.27 13.40
C THR A 191 -3.45 -12.64 12.55
N LEU A 192 -3.60 -11.34 12.27
CA LEU A 192 -2.65 -10.65 11.43
C LEU A 192 -1.57 -9.98 12.28
N GLY A 193 -0.36 -9.95 11.74
CA GLY A 193 0.76 -9.33 12.42
C GLY A 193 1.61 -8.56 11.43
N ALA A 194 2.39 -7.63 11.99
CA ALA A 194 3.23 -6.76 11.16
C ALA A 194 4.33 -7.57 10.49
N SER A 195 4.36 -7.53 9.16
CA SER A 195 5.42 -8.17 8.41
C SER A 195 6.70 -7.34 8.51
N GLU A 196 7.78 -7.88 7.93
CA GLU A 196 9.05 -7.19 7.97
C GLU A 196 9.02 -5.97 7.04
N LYS A 197 10.01 -5.09 7.22
CA LYS A 197 9.94 -3.76 6.61
C LYS A 197 9.84 -3.82 5.09
N ASP A 198 10.69 -4.62 4.45
CA ASP A 198 10.77 -4.58 3.00
C ASP A 198 10.91 -5.96 2.37
N VAL A 199 10.34 -6.99 3.01
CA VAL A 199 10.38 -8.33 2.42
C VAL A 199 9.53 -8.39 1.15
N ALA A 200 8.40 -7.69 1.13
CA ALA A 200 7.49 -7.77 -0.01
C ALA A 200 8.15 -7.29 -1.29
N ILE A 201 9.00 -6.26 -1.19
CA ILE A 201 9.70 -5.75 -2.38
C ILE A 201 10.53 -6.86 -3.01
N ARG A 202 11.34 -7.54 -2.19
CA ARG A 202 12.18 -8.62 -2.68
C ARG A 202 11.33 -9.76 -3.23
N SER A 203 10.22 -10.08 -2.57
CA SER A 203 9.36 -11.14 -3.03
C SER A 203 8.81 -10.84 -4.43
N ARG A 204 8.28 -9.63 -4.62
CA ARG A 204 7.76 -9.24 -5.93
C ARG A 204 8.86 -9.29 -6.98
N TYR A 205 10.02 -8.71 -6.67
CA TYR A 205 11.10 -8.67 -7.64
C TYR A 205 11.52 -10.07 -8.06
N SER A 206 11.75 -10.95 -7.08
CA SER A 206 12.20 -12.30 -7.38
C SER A 206 11.15 -13.06 -8.18
N LYS A 207 9.87 -12.97 -7.79
CA LYS A 207 8.84 -13.71 -8.50
C LYS A 207 8.70 -13.24 -9.93
N VAL A 208 8.70 -11.92 -10.15
CA VAL A 208 8.53 -11.41 -11.50
C VAL A 208 9.76 -11.74 -12.35
N LEU A 209 10.95 -11.67 -11.75
CA LEU A 209 12.16 -12.04 -12.47
C LEU A 209 12.10 -13.49 -12.91
N GLN A 210 11.72 -14.40 -12.00
CA GLN A 210 11.66 -15.81 -12.35
C GLN A 210 10.64 -16.05 -13.45
N TRP A 211 9.47 -15.43 -13.35
CA TRP A 211 8.44 -15.69 -14.36
C TRP A 211 8.86 -15.14 -15.72
N CYS A 212 9.38 -13.92 -15.78
CA CYS A 212 9.77 -13.36 -17.07
C CYS A 212 10.98 -14.10 -17.65
N CYS A 213 11.90 -14.55 -16.80
CA CYS A 213 13.02 -15.35 -17.29
C CYS A 213 12.52 -16.67 -17.87
N LEU A 214 11.52 -17.29 -17.23
CA LEU A 214 10.90 -18.47 -17.81
C LEU A 214 10.29 -18.16 -19.18
N ASN A 215 9.60 -17.02 -19.28
CA ASN A 215 9.04 -16.62 -20.57
C ASN A 215 10.12 -16.50 -21.63
N MET A 216 11.24 -15.86 -21.28
CA MET A 216 12.36 -15.75 -22.20
C MET A 216 12.90 -17.12 -22.61
N SER A 217 13.05 -18.01 -21.62
CA SER A 217 13.60 -19.33 -21.90
C SER A 217 12.71 -20.10 -22.86
N ASN A 218 11.38 -20.00 -22.69
CA ASN A 218 10.49 -20.64 -23.64
C ASN A 218 10.54 -19.95 -25.00
N LEU A 219 11.02 -18.71 -25.05
CA LEU A 219 11.15 -17.97 -26.30
C LEU A 219 12.58 -17.95 -26.83
N GLN A 220 13.49 -18.71 -26.20
CA GLN A 220 14.91 -18.78 -26.56
C GLN A 220 15.48 -17.42 -26.94
N MET A 221 15.20 -16.43 -26.09
CA MET A 221 15.67 -15.06 -26.28
C MET A 221 16.71 -14.73 -25.22
N ASP A 222 17.78 -14.06 -25.64
CA ASP A 222 18.76 -13.57 -24.69
C ASP A 222 18.21 -12.39 -23.91
N GLY A 223 18.81 -12.12 -22.75
CA GLY A 223 18.37 -11.03 -21.91
C GLY A 223 19.49 -10.49 -21.06
N GLU A 224 19.23 -9.34 -20.44
CA GLU A 224 20.21 -8.67 -19.60
C GLU A 224 19.51 -8.02 -18.43
N LEU A 225 20.03 -8.26 -17.23
CA LEU A 225 19.53 -7.59 -16.04
C LEU A 225 20.32 -6.31 -15.83
N TYR A 226 19.69 -5.18 -16.09
CA TYR A 226 20.37 -3.88 -16.10
C TYR A 226 19.88 -3.05 -14.93
N VAL A 227 20.80 -2.61 -14.09
CA VAL A 227 20.46 -1.82 -12.91
C VAL A 227 21.24 -0.52 -12.97
N ASP A 228 20.56 0.60 -12.80
CA ASP A 228 21.22 1.89 -12.80
C ASP A 228 20.70 2.76 -11.67
N PHE A 229 21.49 3.77 -11.31
CA PHE A 229 21.24 4.60 -10.15
C PHE A 229 20.96 6.03 -10.60
N GLY A 230 19.84 6.57 -10.14
CA GLY A 230 19.46 7.92 -10.51
C GLY A 230 18.16 8.28 -9.85
N LYS A 231 17.66 9.47 -10.18
CA LYS A 231 16.45 9.97 -9.55
C LYS A 231 15.25 9.76 -10.47
N LEU A 232 14.17 9.24 -9.90
CA LEU A 232 12.91 9.08 -10.60
C LEU A 232 12.00 10.24 -10.20
N LEU A 233 11.78 11.17 -11.14
CA LEU A 233 10.99 12.37 -10.89
C LEU A 233 9.63 12.19 -11.58
N LEU A 234 8.57 12.22 -10.79
CA LEU A 234 7.23 12.09 -11.34
C LEU A 234 6.71 13.44 -11.77
N LYS A 235 5.98 13.45 -12.89
CA LYS A 235 5.38 14.70 -13.34
C LYS A 235 4.34 15.18 -12.33
N PRO A 236 4.19 16.49 -12.14
CA PRO A 236 3.20 16.98 -11.17
C PRO A 236 1.78 16.58 -11.51
N SER A 237 1.50 16.18 -12.75
CA SER A 237 0.17 15.77 -13.15
C SER A 237 -0.20 14.37 -12.68
N VAL A 238 0.69 13.68 -11.97
CA VAL A 238 0.37 12.34 -11.49
C VAL A 238 -0.70 12.40 -10.39
N MET A 239 -0.64 13.43 -9.54
CA MET A 239 -1.61 13.56 -8.46
C MET A 239 -2.98 13.90 -9.00
N ARG A 240 -4.02 13.33 -8.39
CA ARG A 240 -5.40 13.66 -8.69
C ARG A 240 -6.05 14.20 -7.43
N LYS A 241 -6.76 15.32 -7.58
CA LYS A 241 -7.47 15.98 -6.48
C LYS A 241 -6.54 16.42 -5.36
N ASN A 242 -5.24 16.54 -5.66
CA ASN A 242 -4.24 17.00 -4.69
C ASN A 242 -4.23 16.12 -3.44
N ARG A 243 -3.89 14.85 -3.64
CA ARG A 243 -3.76 13.88 -2.56
C ARG A 243 -2.28 13.55 -2.37
N ARG A 244 -1.74 13.91 -1.21
CA ARG A 244 -0.35 13.58 -0.92
C ARG A 244 -0.17 12.07 -0.78
N ILE A 245 -1.20 11.37 -0.31
CA ILE A 245 -1.13 9.95 0.02
C ILE A 245 -2.03 9.20 -0.95
N VAL A 246 -1.48 8.16 -1.59
CA VAL A 246 -2.21 7.40 -2.60
C VAL A 246 -1.80 5.95 -2.51
N SER A 247 -2.69 5.06 -2.98
CA SER A 247 -2.40 3.63 -2.99
C SER A 247 -1.32 3.30 -4.00
N SER A 248 -0.45 2.35 -3.62
CA SER A 248 0.66 1.97 -4.51
C SER A 248 0.15 1.35 -5.79
N TYR A 249 -0.89 0.51 -5.71
CA TYR A 249 -1.46 -0.09 -6.91
C TYR A 249 -1.98 0.98 -7.86
N THR A 250 -2.71 1.96 -7.32
CA THR A 250 -3.21 3.06 -8.13
C THR A 250 -2.06 3.88 -8.71
N LEU A 251 -1.00 4.10 -7.91
CA LEU A 251 0.13 4.87 -8.41
C LEU A 251 0.80 4.17 -9.59
N GLN A 252 0.98 2.85 -9.49
CA GLN A 252 1.59 2.11 -10.60
C GLN A 252 0.70 2.13 -11.83
N GLN A 253 -0.61 1.91 -11.65
CA GLN A 253 -1.51 1.93 -12.79
C GLN A 253 -1.59 3.32 -13.42
N ARG A 254 -1.36 4.37 -12.63
CA ARG A 254 -1.31 5.72 -13.17
C ARG A 254 -0.02 5.95 -13.94
N LEU A 255 1.10 5.46 -13.42
CA LEU A 255 2.37 5.66 -14.11
C LEU A 255 2.40 4.90 -15.44
N GLN A 256 1.74 3.75 -15.50
CA GLN A 256 1.82 2.94 -16.71
C GLN A 256 1.06 3.55 -17.88
N VAL A 257 0.01 4.33 -17.63
CA VAL A 257 -0.93 4.66 -18.69
C VAL A 257 -0.32 5.64 -19.69
N ASN A 258 0.40 6.66 -19.21
CA ASN A 258 0.80 7.76 -20.08
C ASN A 258 2.22 8.25 -19.90
N HIS A 259 3.09 7.50 -19.22
CA HIS A 259 4.48 7.88 -19.02
C HIS A 259 4.61 9.24 -18.35
N PRO A 260 4.21 9.37 -17.08
CA PRO A 260 4.45 10.64 -16.38
C PRO A 260 5.79 10.65 -15.66
N TYR A 261 6.47 9.51 -15.69
CA TYR A 261 7.73 9.38 -14.96
C TYR A 261 8.90 9.86 -15.81
N THR A 262 9.92 10.39 -15.14
CA THR A 262 11.14 10.86 -15.79
C THR A 262 12.33 10.28 -15.05
N TRP A 263 13.14 9.50 -15.75
CA TRP A 263 14.30 8.86 -15.16
C TRP A 263 15.54 9.68 -15.45
N VAL A 264 16.27 10.05 -14.40
CA VAL A 264 17.49 10.84 -14.56
C VAL A 264 18.64 10.04 -13.98
N PRO A 265 19.38 9.29 -14.79
CA PRO A 265 20.56 8.58 -14.29
C PRO A 265 21.67 9.54 -13.91
N THR A 266 22.02 9.61 -12.64
CA THR A 266 23.06 10.51 -12.20
C THR A 266 23.58 10.05 -10.84
N LEU A 267 24.72 10.61 -10.46
CA LEU A 267 25.36 10.32 -9.19
C LEU A 267 26.45 11.37 -8.97
N PRO A 268 26.65 11.85 -7.74
CA PRO A 268 27.58 12.96 -7.52
C PRO A 268 29.01 12.62 -7.94
N GLU A 269 29.72 13.64 -8.41
CA GLU A 269 31.08 13.45 -8.88
C GLU A 269 32.01 13.02 -7.75
N SER A 270 31.86 13.61 -6.57
CA SER A 270 32.76 13.34 -5.46
C SER A 270 32.60 11.93 -4.90
N CYS A 271 31.56 11.20 -5.29
CA CYS A 271 31.32 9.88 -4.70
C CYS A 271 32.18 8.79 -5.32
N LEU A 272 32.94 9.08 -6.37
CA LEU A 272 33.62 8.03 -7.12
C LEU A 272 34.65 7.31 -6.25
N SER A 273 35.46 8.08 -5.52
CA SER A 273 36.47 7.47 -4.65
C SER A 273 35.82 6.64 -3.55
N LYS A 274 34.74 7.15 -2.97
CA LYS A 274 34.05 6.41 -1.91
C LYS A 274 33.48 5.11 -2.45
N ILE A 275 32.89 5.14 -3.65
CA ILE A 275 32.36 3.91 -4.24
C ILE A 275 33.47 2.91 -4.48
N GLN A 276 34.60 3.37 -5.03
CA GLN A 276 35.68 2.44 -5.33
C GLN A 276 36.27 1.83 -4.06
N GLU A 277 36.44 2.65 -3.01
CA GLU A 277 37.08 2.16 -1.79
C GLU A 277 36.15 1.33 -0.92
N GLN A 278 34.85 1.64 -0.92
CA GLN A 278 33.93 1.00 0.01
C GLN A 278 32.89 0.11 -0.64
N PHE A 279 32.75 0.14 -1.97
CA PHE A 279 31.85 -0.77 -2.66
C PHE A 279 32.57 -1.68 -3.62
N LEU A 280 33.38 -1.13 -4.53
CA LEU A 280 34.07 -1.97 -5.51
C LEU A 280 35.14 -2.84 -4.86
N GLN A 281 36.01 -2.23 -4.06
CA GLN A 281 37.10 -2.99 -3.45
C GLN A 281 36.60 -4.04 -2.46
N PRO A 282 35.73 -3.72 -1.48
CA PRO A 282 35.27 -4.78 -0.57
C PRO A 282 34.56 -5.91 -1.29
N GLU A 283 33.79 -5.60 -2.33
CA GLU A 283 33.18 -6.64 -3.13
C GLU A 283 34.24 -7.30 -4.02
N GLY A 284 33.85 -8.40 -4.66
CA GLY A 284 34.78 -9.08 -5.55
C GLY A 284 35.08 -8.27 -6.81
N PHE A 285 34.39 -7.15 -6.99
CA PHE A 285 34.59 -6.25 -8.11
C PHE A 285 36.06 -5.87 -8.27
N ALA A 286 36.63 -6.17 -9.43
CA ALA A 286 37.99 -5.83 -9.77
C ALA A 286 38.01 -5.14 -11.12
N PRO A 287 38.86 -4.14 -11.29
CA PRO A 287 38.92 -3.44 -12.58
C PRO A 287 39.34 -4.37 -13.72
N ILE A 288 38.72 -4.17 -14.87
CA ILE A 288 39.06 -4.89 -16.09
C ILE A 288 39.22 -3.88 -17.22
N GLY A 289 39.47 -4.38 -18.42
CA GLY A 289 39.66 -3.52 -19.56
C GLY A 289 40.99 -2.79 -19.51
N LYS A 290 41.10 -1.77 -20.36
CA LYS A 290 42.33 -0.99 -20.50
C LYS A 290 42.04 0.44 -20.08
N GLY A 291 42.16 0.71 -18.78
CA GLY A 291 41.96 2.07 -18.28
C GLY A 291 40.57 2.59 -18.59
N VAL A 292 40.52 3.78 -19.17
CA VAL A 292 39.27 4.43 -19.56
C VAL A 292 39.19 4.44 -21.07
N GLN A 293 38.05 4.02 -21.61
CA GLN A 293 37.83 3.98 -23.05
C GLN A 293 36.78 5.01 -23.43
N LEU A 294 37.10 5.84 -24.42
CA LEU A 294 36.19 6.86 -24.91
C LEU A 294 35.36 6.31 -26.05
N THR A 295 34.05 6.45 -25.95
CA THR A 295 33.12 5.96 -26.97
C THR A 295 32.02 6.99 -27.20
N TYR A 296 31.44 6.94 -28.38
CA TYR A 296 30.32 7.80 -28.75
C TYR A 296 29.08 6.93 -28.89
N SER A 297 28.09 7.17 -28.05
CA SER A 297 26.83 6.43 -28.13
C SER A 297 25.81 7.27 -28.89
N GLY A 298 25.26 6.71 -29.96
CA GLY A 298 24.31 7.43 -30.79
C GLY A 298 23.05 6.62 -31.00
N THR A 299 21.96 7.34 -31.24
CA THR A 299 20.66 6.73 -31.49
C THR A 299 20.18 7.16 -32.86
N ILE A 300 19.86 6.19 -33.71
CA ILE A 300 19.42 6.44 -35.08
C ILE A 300 17.96 6.04 -35.17
N LYS A 301 17.08 7.01 -35.35
CA LYS A 301 15.68 6.73 -35.56
C LYS A 301 15.43 6.42 -37.03
N ARG A 302 14.63 5.38 -37.28
CA ARG A 302 14.33 4.99 -38.64
C ARG A 302 12.82 4.95 -38.87
N SER A 303 12.39 4.40 -40.01
CA SER A 303 10.98 4.43 -40.36
C SER A 303 10.13 3.72 -39.31
N LYS A 304 10.57 2.55 -38.86
CA LYS A 304 9.81 1.77 -37.89
C LYS A 304 10.62 1.33 -36.68
N ASP A 305 11.92 1.62 -36.63
CA ASP A 305 12.78 1.12 -35.56
C ASP A 305 13.70 2.23 -35.08
N GLN A 306 14.31 2.01 -33.91
CA GLN A 306 15.20 2.96 -33.26
C GLN A 306 16.49 2.23 -32.90
N LEU A 307 17.46 2.24 -33.81
CA LEU A 307 18.70 1.52 -33.61
C LEU A 307 19.65 2.32 -32.70
N HIS A 308 20.59 1.61 -32.09
CA HIS A 308 21.64 2.21 -31.29
C HIS A 308 22.98 1.85 -31.90
N VAL A 309 23.92 2.79 -31.86
CA VAL A 309 25.21 2.62 -32.52
C VAL A 309 26.30 3.09 -31.57
N ASP A 310 27.41 2.38 -31.55
CA ASP A 310 28.58 2.77 -30.77
C ASP A 310 29.73 3.11 -31.72
N LEU A 311 30.47 4.15 -31.37
CA LEU A 311 31.55 4.65 -32.21
C LEU A 311 32.83 4.79 -31.38
N ASP A 312 33.95 4.54 -32.03
CA ASP A 312 35.25 4.65 -31.38
C ASP A 312 35.69 6.11 -31.34
N ASN A 313 36.96 6.35 -31.01
CA ASN A 313 37.50 7.71 -31.02
C ASN A 313 37.43 8.30 -32.42
N LYS A 314 37.79 7.50 -33.44
CA LYS A 314 37.69 7.97 -34.82
C LYS A 314 36.24 8.13 -35.27
N GLY A 315 35.30 7.43 -34.62
CA GLY A 315 33.92 7.47 -35.02
C GLY A 315 33.46 6.32 -35.89
N LYS A 316 34.29 5.31 -36.08
CA LYS A 316 33.88 4.14 -36.84
C LYS A 316 32.81 3.36 -36.08
N VAL A 317 31.97 2.66 -36.82
CA VAL A 317 30.84 1.95 -36.23
C VAL A 317 31.32 0.71 -35.51
N LEU A 318 31.43 0.81 -34.18
CA LEU A 318 31.89 -0.33 -33.39
C LEU A 318 30.82 -1.41 -33.31
N ALA A 319 29.58 -1.02 -33.04
CA ALA A 319 28.52 -2.01 -32.87
C ALA A 319 27.18 -1.37 -33.19
N VAL A 320 26.29 -2.17 -33.77
CA VAL A 320 24.91 -1.78 -34.07
C VAL A 320 23.98 -2.72 -33.32
N ASN A 321 23.05 -2.15 -32.56
CA ASN A 321 22.14 -2.92 -31.74
C ASN A 321 20.71 -2.46 -31.97
N SER A 322 19.78 -3.39 -31.83
CA SER A 322 18.38 -3.06 -31.99
C SER A 322 17.85 -2.39 -30.73
N ALA A 323 16.59 -1.96 -30.79
CA ALA A 323 15.99 -1.28 -29.66
C ALA A 323 15.80 -2.24 -28.49
N TRP A 324 16.18 -1.79 -27.30
CA TRP A 324 15.96 -2.57 -26.09
C TRP A 324 14.47 -2.79 -25.87
N VAL A 325 14.08 -4.02 -25.60
CA VAL A 325 12.71 -4.34 -25.23
C VAL A 325 12.70 -4.72 -23.75
N ASN A 326 12.01 -3.95 -22.93
CA ASN A 326 11.99 -4.19 -21.50
C ASN A 326 10.82 -5.10 -21.13
N LEU A 327 11.13 -6.31 -20.67
CA LEU A 327 10.10 -7.24 -20.25
C LEU A 327 9.73 -7.08 -18.79
N GLN A 328 10.61 -6.49 -17.98
CA GLN A 328 10.35 -6.26 -16.56
C GLN A 328 11.08 -4.99 -16.16
N THR A 329 10.34 -4.01 -15.66
CA THR A 329 10.89 -2.71 -15.30
C THR A 329 10.48 -2.38 -13.88
N ALA A 330 11.43 -2.44 -12.95
CA ALA A 330 11.18 -2.11 -11.55
C ALA A 330 11.84 -0.78 -11.20
N TRP A 331 11.26 -0.09 -10.22
CA TRP A 331 11.77 1.22 -9.78
C TRP A 331 11.84 1.20 -8.26
N CYS A 332 12.97 0.77 -7.72
CA CYS A 332 13.23 0.94 -6.30
C CYS A 332 13.40 2.42 -6.00
N THR A 333 12.69 2.92 -5.00
CA THR A 333 12.67 4.34 -4.69
C THR A 333 13.00 4.54 -3.22
N HIS A 334 13.83 5.53 -2.93
CA HIS A 334 14.30 5.79 -1.58
C HIS A 334 14.13 7.27 -1.26
N ALA A 335 13.93 7.56 0.03
CA ALA A 335 13.73 8.93 0.47
C ALA A 335 14.96 9.79 0.21
N LYS A 336 16.07 9.45 0.88
CA LYS A 336 17.27 10.28 0.82
C LYS A 336 18.19 9.89 -0.33
N GLY A 337 18.51 8.61 -0.45
CA GLY A 337 19.49 8.17 -1.42
C GLY A 337 18.94 8.18 -2.82
N PRO A 338 19.84 8.03 -3.79
CA PRO A 338 19.40 7.94 -5.19
C PRO A 338 18.54 6.73 -5.42
N ASP A 339 17.54 6.91 -6.29
CA ASP A 339 16.67 5.80 -6.64
C ASP A 339 17.42 4.77 -7.48
N VAL A 340 16.89 3.56 -7.50
CA VAL A 340 17.51 2.45 -8.23
C VAL A 340 16.50 1.91 -9.21
N ARG A 341 16.84 1.92 -10.49
CA ARG A 341 15.99 1.35 -11.53
C ARG A 341 16.57 0.02 -11.97
N LEU A 342 15.76 -1.03 -11.90
CA LEU A 342 16.15 -2.39 -12.25
C LEU A 342 15.27 -2.86 -13.39
N LEU A 343 15.90 -3.38 -14.45
CA LEU A 343 15.18 -3.74 -15.66
C LEU A 343 15.69 -5.08 -16.15
N LEU A 344 14.82 -5.77 -16.88
CA LEU A 344 15.20 -6.94 -17.67
C LEU A 344 14.94 -6.60 -19.13
N ARG A 345 15.98 -6.70 -19.95
CA ARG A 345 15.94 -6.17 -21.31
C ARG A 345 16.34 -7.27 -22.29
N SER A 346 15.88 -7.10 -23.54
CA SER A 346 16.20 -8.04 -24.60
C SER A 346 16.48 -7.27 -25.89
N ARG A 347 17.27 -7.88 -26.76
CA ARG A 347 17.61 -7.30 -28.05
C ARG A 347 17.20 -8.25 -29.16
N PRO A 348 16.13 -7.96 -29.90
CA PRO A 348 15.79 -8.76 -31.07
C PRO A 348 16.92 -8.74 -32.08
N PRO A 349 17.30 -9.87 -32.71
CA PRO A 349 18.52 -9.87 -33.54
C PRO A 349 18.49 -8.76 -34.60
N ILE A 350 19.54 -7.92 -34.68
CA ILE A 350 19.64 -6.95 -35.82
C ILE A 350 19.64 -7.75 -37.12
N ARG A 351 18.80 -7.36 -38.07
CA ARG A 351 18.85 -8.05 -39.37
C ARG A 351 20.24 -7.76 -39.93
N ARG A 352 20.83 -8.71 -40.64
CA ARG A 352 22.27 -8.57 -41.00
C ARG A 352 22.59 -7.34 -41.87
N GLN A 353 21.73 -6.98 -42.81
CA GLN A 353 22.15 -5.89 -43.74
C GLN A 353 22.37 -4.68 -42.87
N ASP A 354 21.56 -4.47 -41.84
CA ASP A 354 21.66 -3.20 -41.09
C ASP A 354 23.05 -3.09 -40.49
N VAL A 355 23.62 -4.18 -39.99
CA VAL A 355 24.96 -3.98 -39.36
C VAL A 355 25.89 -3.51 -40.47
N GLU A 356 25.76 -4.11 -41.66
CA GLU A 356 26.60 -3.66 -42.79
C GLU A 356 26.18 -2.23 -43.14
N LEU A 357 24.90 -2.02 -43.40
CA LEU A 357 24.47 -0.68 -43.86
C LEU A 357 25.09 0.44 -43.03
N PHE A 358 25.16 0.27 -41.72
CA PHE A 358 25.56 1.44 -40.90
C PHE A 358 27.08 1.48 -40.71
N ALA A 359 27.78 0.41 -41.05
CA ALA A 359 29.23 0.43 -40.97
C ALA A 359 29.84 1.17 -42.15
N SER A 360 29.31 0.95 -43.35
CA SER A 360 29.86 1.59 -44.55
C SER A 360 29.62 3.10 -44.52
N THR A 361 28.39 3.52 -44.26
CA THR A 361 28.07 4.94 -44.32
C THR A 361 28.61 5.65 -43.08
N PRO A 362 29.38 6.73 -43.26
CA PRO A 362 29.87 7.48 -42.09
C PRO A 362 28.73 8.16 -41.34
N ILE A 363 28.46 7.73 -40.11
CA ILE A 363 27.37 8.30 -39.34
C ILE A 363 27.68 9.73 -38.95
N ILE A 364 28.88 9.99 -38.46
CA ILE A 364 29.28 11.31 -37.98
C ILE A 364 30.56 11.73 -38.66
N LYS A 365 30.82 13.03 -38.65
CA LYS A 365 32.03 13.62 -39.23
C LYS A 365 32.71 14.46 -38.15
N LEU A 366 33.80 13.93 -37.60
CA LEU A 366 34.55 14.65 -36.59
C LEU A 366 35.28 15.83 -37.22
N ALA A 367 35.31 16.95 -36.50
CA ALA A 367 36.03 18.15 -36.94
C ALA A 367 36.46 18.91 -35.69
N ASP A 368 37.76 18.94 -35.44
CA ASP A 368 38.35 19.56 -34.25
C ASP A 368 37.51 19.28 -32.99
N ASP A 369 37.25 17.99 -32.77
CA ASP A 369 36.49 17.50 -31.61
C ASP A 369 35.04 17.99 -31.61
N ASP A 370 34.55 18.47 -32.76
CA ASP A 370 33.15 18.85 -32.92
C ASP A 370 32.50 17.89 -33.90
N VAL A 371 31.29 17.43 -33.55
CA VAL A 371 30.61 16.39 -34.30
C VAL A 371 29.50 17.02 -35.13
N ALA A 372 29.54 16.81 -36.44
CA ALA A 372 28.49 17.24 -37.35
C ALA A 372 27.92 16.02 -38.05
N ASP A 373 26.60 15.89 -38.00
CA ASP A 373 25.95 14.73 -38.60
C ASP A 373 26.13 14.72 -40.11
N VAL A 374 26.48 13.57 -40.66
CA VAL A 374 26.61 13.37 -42.10
C VAL A 374 25.83 12.13 -42.55
N LEU A 375 24.97 11.62 -41.69
CA LEU A 375 24.16 10.46 -42.05
C LEU A 375 23.22 10.81 -43.21
N PRO A 376 23.09 9.95 -44.21
CA PRO A 376 22.06 10.15 -45.23
C PRO A 376 20.69 10.25 -44.59
N PRO A 377 19.95 11.31 -44.87
CA PRO A 377 18.67 11.53 -44.17
C PRO A 377 17.67 10.40 -44.34
N GLU A 378 17.67 9.72 -45.48
CA GLU A 378 16.76 8.60 -45.68
C GLU A 378 17.03 7.45 -44.73
N HIS A 379 18.25 7.35 -44.20
CA HIS A 379 18.59 6.31 -43.22
C HIS A 379 18.33 6.80 -41.80
N GLY A 380 17.14 7.32 -41.55
CA GLY A 380 16.79 7.81 -40.24
C GLY A 380 17.51 9.11 -39.91
N GLN A 381 17.44 9.47 -38.63
CA GLN A 381 18.07 10.68 -38.11
C GLN A 381 18.82 10.35 -36.83
N LEU A 382 19.96 11.00 -36.65
CA LEU A 382 20.75 10.86 -35.42
C LEU A 382 20.05 11.67 -34.34
N VAL A 383 19.07 11.05 -33.69
CA VAL A 383 18.26 11.77 -32.72
C VAL A 383 19.07 12.05 -31.45
N TYR A 384 19.88 11.09 -31.01
CA TYR A 384 20.65 11.23 -29.79
C TYR A 384 22.10 10.85 -30.05
N LEU A 385 23.02 11.55 -29.38
CA LEU A 385 24.44 11.27 -29.48
C LEU A 385 25.13 11.80 -28.24
N SER A 386 26.07 11.02 -27.71
CA SER A 386 26.76 11.42 -26.49
C SER A 386 28.17 10.86 -26.48
N GLU A 387 29.06 11.56 -25.79
CA GLU A 387 30.41 11.11 -25.54
C GLU A 387 30.47 10.36 -24.21
N ASP A 388 31.04 9.16 -24.24
CA ASP A 388 31.06 8.28 -23.08
C ASP A 388 32.51 7.96 -22.70
N GLU A 389 32.80 8.08 -21.41
CA GLU A 389 34.05 7.56 -20.83
C GLU A 389 33.64 6.37 -19.95
N THR A 390 34.07 5.18 -20.35
CA THR A 390 33.59 3.94 -19.75
C THR A 390 34.72 3.25 -18.99
N ARG A 391 34.45 2.90 -17.75
CA ARG A 391 35.33 2.05 -16.95
C ARG A 391 34.57 0.80 -16.54
N LEU A 392 35.17 -0.36 -16.76
CA LEU A 392 34.51 -1.64 -16.52
C LEU A 392 35.14 -2.33 -15.33
N PHE A 393 34.30 -2.86 -14.45
CA PHE A 393 34.71 -3.75 -13.38
C PHE A 393 33.87 -5.01 -13.50
N GLU A 394 34.44 -6.14 -13.07
CA GLU A 394 33.75 -7.41 -13.27
C GLU A 394 33.91 -8.28 -12.04
N ARG A 395 32.92 -9.14 -11.82
CA ARG A 395 33.01 -10.12 -10.74
C ARG A 395 32.32 -11.39 -11.21
N VAL A 396 33.07 -12.48 -11.30
CA VAL A 396 32.52 -13.79 -11.62
C VAL A 396 32.45 -14.58 -10.30
N SER A 397 31.28 -14.57 -9.68
CA SER A 397 31.10 -15.30 -8.44
C SER A 397 30.90 -16.79 -8.71
N ASP A 398 30.80 -17.55 -7.63
CA ASP A 398 30.53 -18.99 -7.75
C ASP A 398 29.20 -19.22 -8.45
N ARG A 399 29.00 -20.44 -8.94
CA ARG A 399 27.85 -20.91 -9.70
C ARG A 399 27.80 -20.31 -11.10
N GLY A 400 28.87 -19.70 -11.57
CA GLY A 400 28.94 -19.22 -12.95
C GLY A 400 27.99 -18.09 -13.31
N VAL A 401 27.87 -17.09 -12.44
CA VAL A 401 27.08 -15.90 -12.73
C VAL A 401 28.01 -14.68 -12.63
N THR A 402 27.99 -13.85 -13.66
CA THR A 402 28.90 -12.71 -13.77
C THR A 402 28.13 -11.41 -13.65
N ILE A 403 28.68 -10.47 -12.87
CA ILE A 403 28.09 -9.15 -12.69
C ILE A 403 29.14 -8.10 -13.02
N THR A 404 28.75 -7.12 -13.84
CA THR A 404 29.66 -6.11 -14.37
C THR A 404 29.20 -4.74 -13.90
N VAL A 405 30.14 -3.96 -13.36
CA VAL A 405 29.91 -2.58 -12.96
C VAL A 405 30.48 -1.69 -14.05
N ARG A 406 29.61 -1.06 -14.82
CA ARG A 406 30.00 -0.12 -15.84
C ARG A 406 29.81 1.29 -15.33
N GLU A 407 30.89 2.05 -15.21
CA GLU A 407 30.85 3.44 -14.81
C GLU A 407 31.06 4.30 -16.05
N VAL A 408 30.06 5.11 -16.38
CA VAL A 408 30.06 5.90 -17.61
C VAL A 408 29.94 7.37 -17.24
N LYS A 409 30.94 8.15 -17.61
CA LYS A 409 30.84 9.60 -17.60
C LYS A 409 30.36 10.02 -18.98
N ARG A 410 29.10 10.47 -19.05
CA ARG A 410 28.44 10.73 -20.33
C ARG A 410 28.11 12.20 -20.46
N GLN A 411 28.42 12.76 -21.63
CA GLN A 411 28.10 14.14 -21.94
C GLN A 411 27.43 14.17 -23.31
N PRO A 412 26.15 14.51 -23.40
CA PRO A 412 25.48 14.52 -24.70
C PRO A 412 26.00 15.64 -25.58
N LEU A 413 25.95 15.41 -26.90
CA LEU A 413 26.35 16.38 -27.90
C LEU A 413 25.20 16.78 -28.80
N ILE A 414 24.51 15.80 -29.39
CA ILE A 414 23.34 16.05 -30.21
C ILE A 414 22.13 15.50 -29.47
N ILE A 415 21.19 16.37 -29.13
CA ILE A 415 20.03 16.01 -28.33
C ILE A 415 18.76 16.44 -29.08
N LEU A 416 17.66 15.76 -28.76
CA LEU A 416 16.37 16.04 -29.36
C LEU A 416 15.46 16.85 -28.44
N ARG A 417 15.49 16.58 -27.14
CA ARG A 417 14.68 17.29 -26.17
C ARG A 417 15.55 17.88 -25.08
N ASP A 418 15.01 18.90 -24.41
CA ASP A 418 15.76 19.67 -23.43
C ASP A 418 15.74 19.05 -22.04
N GLU A 419 15.48 17.75 -21.93
CA GLU A 419 15.55 17.06 -20.66
C GLU A 419 16.87 16.34 -20.42
N GLU A 420 17.74 16.30 -21.44
CA GLU A 420 19.04 15.62 -21.34
C GLU A 420 20.09 16.53 -21.98
N GLU A 421 20.68 17.42 -21.16
CA GLU A 421 21.64 18.37 -21.72
C GLU A 421 22.83 18.62 -20.81
N ASP A 422 23.11 17.74 -19.85
CA ASP A 422 24.16 17.98 -18.87
C ASP A 422 25.01 16.75 -18.68
N PRO A 423 26.26 16.92 -18.25
CA PRO A 423 27.11 15.76 -17.93
C PRO A 423 26.51 14.94 -16.80
N ARG A 424 26.68 13.62 -16.89
CA ARG A 424 26.10 12.73 -15.90
C ARG A 424 27.02 11.54 -15.67
N VAL A 425 27.13 11.13 -14.41
CA VAL A 425 27.92 9.97 -14.02
C VAL A 425 26.96 8.83 -13.71
N GLU A 426 27.08 7.73 -14.44
CA GLU A 426 26.17 6.60 -14.30
C GLU A 426 26.95 5.38 -13.83
N TYR A 427 26.34 4.60 -12.95
CA TYR A 427 26.86 3.31 -12.54
C TYR A 427 25.81 2.25 -12.82
N SER A 428 26.19 1.22 -13.56
CA SER A 428 25.24 0.19 -13.98
C SER A 428 25.77 -1.19 -13.61
N LEU A 429 24.93 -1.97 -12.95
CA LEU A 429 25.21 -3.37 -12.67
C LEU A 429 24.49 -4.21 -13.72
N SER A 430 25.23 -5.02 -14.45
CA SER A 430 24.67 -5.77 -15.55
C SER A 430 25.06 -7.24 -15.42
N ALA A 431 24.20 -8.10 -15.97
CA ALA A 431 24.46 -9.53 -16.01
C ALA A 431 23.91 -10.06 -17.34
N HIS A 432 23.88 -11.38 -17.47
CA HIS A 432 23.34 -12.02 -18.65
C HIS A 432 22.46 -13.19 -18.24
N ILE A 433 21.39 -13.41 -18.99
CA ILE A 433 20.47 -14.52 -18.75
C ILE A 433 20.31 -15.29 -20.04
N PRO A 434 21.32 -16.05 -20.48
CA PRO A 434 21.18 -16.82 -21.73
C PRO A 434 20.09 -17.86 -21.59
N ALA A 435 19.46 -18.18 -22.73
CA ALA A 435 18.39 -19.17 -22.73
C ALA A 435 18.87 -20.53 -22.25
N ASN A 436 20.04 -20.97 -22.73
CA ASN A 436 20.56 -22.27 -22.31
C ASN A 436 21.05 -22.23 -20.87
N ALA A 437 21.74 -21.16 -20.48
CA ALA A 437 22.33 -21.10 -19.14
C ALA A 437 21.27 -20.95 -18.06
N ALA A 438 20.20 -20.21 -18.35
CA ALA A 438 19.18 -19.95 -17.34
C ALA A 438 18.51 -21.23 -16.85
N LYS A 439 18.51 -22.28 -17.67
CA LYS A 439 17.93 -23.54 -17.23
C LYS A 439 18.68 -24.11 -16.04
N ALA A 440 20.00 -23.99 -16.03
CA ALA A 440 20.84 -24.45 -14.93
C ALA A 440 21.23 -23.32 -13.99
N THR A 441 20.65 -22.14 -14.15
CA THR A 441 20.99 -20.97 -13.36
C THR A 441 19.79 -20.54 -12.51
N ASP A 442 20.01 -20.37 -11.21
CA ASP A 442 18.98 -19.89 -10.31
C ASP A 442 18.95 -18.36 -10.38
N VAL A 443 18.05 -17.82 -11.21
CA VAL A 443 17.96 -16.38 -11.39
C VAL A 443 17.55 -15.69 -10.09
N ARG A 444 16.95 -16.43 -9.17
CA ARG A 444 16.62 -15.89 -7.85
C ARG A 444 17.85 -15.29 -7.19
N ALA A 445 18.96 -16.06 -7.16
CA ALA A 445 20.18 -15.59 -6.53
C ALA A 445 20.74 -14.37 -7.24
N VAL A 446 20.71 -14.37 -8.58
CA VAL A 446 21.23 -13.24 -9.33
C VAL A 446 20.44 -11.98 -9.00
N GLY A 447 19.11 -12.08 -9.01
CA GLY A 447 18.28 -10.92 -8.71
C GLY A 447 18.49 -10.41 -7.30
N LEU A 448 18.54 -11.32 -6.33
CA LEU A 448 18.74 -10.90 -4.95
C LEU A 448 20.11 -10.25 -4.76
N THR A 449 21.14 -10.81 -5.38
CA THR A 449 22.48 -10.21 -5.29
C THR A 449 22.50 -8.82 -5.90
N ALA A 450 21.88 -8.66 -7.08
CA ALA A 450 21.83 -7.35 -7.70
C ALA A 450 21.10 -6.35 -6.82
N PHE A 451 19.96 -6.75 -6.26
CA PHE A 451 19.19 -5.86 -5.39
C PHE A 451 20.00 -5.46 -4.16
N GLU A 452 20.67 -6.43 -3.54
CA GLU A 452 21.44 -6.12 -2.34
C GLU A 452 22.61 -5.19 -2.64
N LEU A 453 23.30 -5.42 -3.76
CA LEU A 453 24.40 -4.56 -4.15
C LEU A 453 23.91 -3.14 -4.42
N ALA A 454 22.78 -3.03 -5.13
CA ALA A 454 22.22 -1.72 -5.41
C ALA A 454 21.85 -0.99 -4.12
N GLY A 455 21.23 -1.70 -3.19
CA GLY A 455 20.91 -1.10 -1.90
C GLY A 455 22.14 -0.64 -1.14
N ARG A 456 23.19 -1.47 -1.14
CA ARG A 456 24.41 -1.09 -0.44
C ARG A 456 25.03 0.17 -1.03
N LEU A 457 25.12 0.23 -2.36
CA LEU A 457 25.74 1.40 -2.97
C LEU A 457 24.88 2.64 -2.80
N ALA A 458 23.55 2.49 -2.87
CA ALA A 458 22.67 3.61 -2.62
C ALA A 458 22.84 4.14 -1.20
N GLY A 459 22.91 3.24 -0.22
CA GLY A 459 23.17 3.68 1.14
C GLY A 459 24.51 4.34 1.31
N LEU A 460 25.52 3.87 0.56
CA LEU A 460 26.84 4.49 0.63
C LEU A 460 26.81 5.92 0.10
N VAL A 461 26.11 6.15 -1.02
CA VAL A 461 26.18 7.45 -1.69
C VAL A 461 25.02 8.37 -1.31
N ALA A 462 24.12 7.92 -0.41
CA ALA A 462 22.96 8.75 -0.06
C ALA A 462 23.37 10.09 0.54
N GLU A 463 24.34 10.09 1.45
CA GLU A 463 24.71 11.31 2.15
C GLU A 463 25.22 12.37 1.19
N ASP A 464 26.14 11.99 0.30
CA ASP A 464 26.68 12.96 -0.64
C ASP A 464 25.68 13.32 -1.73
N PHE A 465 24.79 12.39 -2.09
CA PHE A 465 23.73 12.73 -3.02
C PHE A 465 22.83 13.81 -2.46
N VAL A 466 22.46 13.68 -1.19
CA VAL A 466 21.66 14.72 -0.54
C VAL A 466 22.44 16.02 -0.43
N ARG A 467 23.72 15.93 -0.05
CA ARG A 467 24.52 17.14 0.14
C ARG A 467 24.66 17.93 -1.17
N GLU A 468 24.93 17.24 -2.28
CA GLU A 468 25.19 17.95 -3.53
C GLU A 468 23.92 18.28 -4.30
N TYR A 469 22.90 17.41 -4.24
CA TYR A 469 21.72 17.60 -5.08
C TYR A 469 20.49 18.06 -4.31
N GLY A 470 20.47 17.88 -3.00
CA GLY A 470 19.38 18.40 -2.19
C GLY A 470 18.04 17.72 -2.35
N CYS A 471 17.98 16.63 -3.11
CA CYS A 471 16.71 15.91 -3.31
C CYS A 471 16.42 15.09 -2.06
N GLU A 472 15.68 15.68 -1.12
CA GLU A 472 15.27 15.02 0.11
C GLU A 472 13.76 15.08 0.19
N ALA A 473 13.10 14.00 -0.21
CA ALA A 473 11.64 13.95 -0.26
C ALA A 473 11.11 13.73 1.15
N LYS A 474 10.55 14.78 1.74
CA LYS A 474 9.98 14.74 3.09
C LYS A 474 8.50 15.05 2.99
N LEU A 475 7.68 14.11 3.42
CA LEU A 475 6.23 14.30 3.42
C LEU A 475 5.70 14.38 4.85
N GLU B 103 -5.06 -14.59 -7.90
CA GLU B 103 -4.03 -15.37 -8.58
C GLU B 103 -2.70 -14.63 -8.59
N ALA B 104 -2.04 -14.63 -9.76
CA ALA B 104 -0.75 -13.97 -9.91
C ALA B 104 -0.86 -12.47 -10.13
N ASP B 105 -2.04 -11.96 -10.44
CA ASP B 105 -2.24 -10.54 -10.71
C ASP B 105 -2.78 -9.80 -9.49
N GLU B 106 -2.36 -10.22 -8.30
CA GLU B 106 -2.81 -9.57 -7.07
C GLU B 106 -2.02 -8.30 -6.77
N TYR B 107 -1.05 -7.95 -7.60
CA TYR B 107 -0.29 -6.72 -7.46
C TYR B 107 -0.45 -5.88 -8.72
N GLY B 108 0.13 -4.69 -8.70
CA GLY B 108 0.06 -3.79 -9.83
C GLY B 108 1.11 -4.06 -10.88
N ASP B 109 1.20 -5.31 -11.32
CA ASP B 109 2.19 -5.75 -12.29
C ASP B 109 1.49 -6.26 -13.54
N TRP B 110 2.30 -6.80 -14.46
CA TRP B 110 1.79 -7.42 -15.69
C TRP B 110 0.94 -6.46 -16.51
N GLY B 111 1.40 -5.22 -16.63
CA GLY B 111 0.74 -4.26 -17.48
C GLY B 111 -0.24 -3.38 -16.74
N ALA B 112 -0.98 -2.59 -17.51
CA ALA B 112 -2.01 -1.70 -17.00
C ALA B 112 -3.36 -2.16 -17.55
N GLU B 113 -4.18 -2.75 -16.70
CA GLU B 113 -5.49 -3.18 -17.13
C GLU B 113 -6.41 -1.97 -17.34
N PRO B 114 -7.23 -1.98 -18.38
CA PRO B 114 -8.00 -0.78 -18.73
C PRO B 114 -9.03 -0.41 -17.67
N GLY B 115 -9.27 0.89 -17.55
CA GLY B 115 -10.26 1.39 -16.62
C GLY B 115 -9.95 1.07 -15.17
N PHE B 116 -8.68 1.23 -14.78
CA PHE B 116 -8.31 0.94 -13.39
C PHE B 116 -8.96 1.91 -12.41
N GLU B 117 -9.18 3.16 -12.83
CA GLU B 117 -9.77 4.13 -11.92
C GLU B 117 -11.20 3.75 -11.54
N ASP B 118 -11.95 3.16 -12.47
CA ASP B 118 -13.30 2.71 -12.15
C ASP B 118 -13.30 1.64 -11.07
N ARG B 119 -12.42 0.64 -11.21
CA ARG B 119 -12.38 -0.45 -10.25
C ARG B 119 -11.72 -0.01 -8.94
N ARG B 120 -10.73 0.87 -9.01
CA ARG B 120 -9.94 1.26 -7.85
C ARG B 120 -10.36 2.60 -7.26
N GLU B 121 -11.53 3.12 -7.66
CA GLU B 121 -12.00 4.37 -7.07
C GLU B 121 -12.24 4.22 -5.58
N LEU B 122 -12.83 3.11 -5.16
CA LEU B 122 -13.03 2.81 -3.76
C LEU B 122 -11.95 1.84 -3.27
N ASP B 123 -10.71 2.34 -3.30
CA ASP B 123 -9.58 1.54 -2.84
C ASP B 123 -9.51 1.47 -1.32
N PHE B 124 -9.95 2.53 -0.63
CA PHE B 124 -9.87 2.57 0.83
C PHE B 124 -10.80 1.58 1.51
N MET B 125 -11.74 0.99 0.79
CA MET B 125 -12.67 0.02 1.37
C MET B 125 -13.13 -0.97 0.31
N GLU B 126 -14.08 -1.85 0.64
CA GLU B 126 -14.46 -2.90 -0.30
C GLU B 126 -15.97 -3.15 -0.31
N LEU B 127 -16.65 -2.67 -1.34
CA LEU B 127 -18.09 -2.82 -1.48
C LEU B 127 -18.41 -3.69 -2.67
N SER B 128 -19.40 -4.57 -2.51
CA SER B 128 -19.96 -5.32 -3.62
C SER B 128 -21.36 -4.79 -3.90
N PRO B 129 -21.57 -4.08 -5.02
CA PRO B 129 -22.90 -3.52 -5.28
C PRO B 129 -23.96 -4.61 -5.44
N GLY B 130 -25.17 -4.29 -5.01
CA GLY B 130 -26.28 -5.23 -5.09
C GLY B 130 -26.69 -5.57 -6.50
N SER B 140 -24.72 -8.46 8.03
CA SER B 140 -23.85 -8.45 6.86
C SER B 140 -23.59 -7.03 6.38
N PRO B 141 -22.50 -6.43 6.86
CA PRO B 141 -22.17 -5.06 6.47
C PRO B 141 -21.94 -4.93 4.97
N ARG B 142 -22.38 -3.80 4.41
CA ARG B 142 -22.11 -3.52 3.00
C ARG B 142 -20.67 -3.09 2.78
N ALA B 143 -20.13 -2.30 3.70
CA ALA B 143 -18.82 -1.68 3.53
C ALA B 143 -17.85 -2.24 4.56
N PHE B 144 -16.68 -2.69 4.08
CA PHE B 144 -15.68 -3.32 4.91
C PHE B 144 -14.32 -2.73 4.60
N GLN B 145 -13.55 -2.41 5.65
CA GLN B 145 -12.15 -2.05 5.49
C GLN B 145 -11.33 -2.67 6.63
N LEU B 146 -10.09 -3.02 6.31
CA LEU B 146 -9.18 -3.62 7.28
C LEU B 146 -7.93 -2.74 7.37
N LEU B 147 -7.54 -2.40 8.58
CA LEU B 147 -6.37 -1.55 8.78
C LEU B 147 -5.30 -2.27 9.59
N HIS B 148 -4.21 -1.58 9.89
CA HIS B 148 -3.12 -2.18 10.66
C HIS B 148 -2.28 -1.07 11.25
N SER B 149 -1.68 -1.34 12.41
CA SER B 149 -0.90 -0.36 13.13
C SER B 149 0.54 -0.26 12.62
N GLU B 150 1.00 -1.22 11.83
CA GLU B 150 2.35 -1.15 11.28
C GLU B 150 2.41 -1.51 9.81
N THR B 151 1.27 -1.68 9.15
CA THR B 151 1.20 -1.99 7.73
C THR B 151 0.42 -0.89 7.03
N ALA B 152 0.99 -0.35 5.96
CA ALA B 152 0.38 0.77 5.23
C ALA B 152 0.65 0.58 3.74
N THR B 153 -0.36 0.16 2.99
CA THR B 153 -0.24 0.05 1.55
C THR B 153 -0.11 1.41 0.87
N ASP B 154 -0.42 2.49 1.58
CA ASP B 154 -0.37 3.82 0.99
C ASP B 154 1.06 4.28 0.81
N VAL B 155 1.29 5.04 -0.26
CA VAL B 155 2.59 5.61 -0.57
C VAL B 155 2.43 7.11 -0.76
N GLY B 156 3.36 7.88 -0.20
CA GLY B 156 3.24 9.32 -0.16
C GLY B 156 3.97 10.00 -1.30
N ILE B 157 3.26 10.88 -2.00
CA ILE B 157 3.83 11.65 -3.09
C ILE B 157 4.29 12.99 -2.53
N ALA B 158 5.59 13.12 -2.30
CA ALA B 158 6.15 14.33 -1.72
C ALA B 158 6.50 15.33 -2.82
N SER B 159 6.88 16.53 -2.39
CA SER B 159 7.32 17.60 -3.28
C SER B 159 8.83 17.73 -3.20
N ILE B 160 9.49 17.70 -4.35
CA ILE B 160 10.94 17.69 -4.42
C ILE B 160 11.42 18.84 -5.30
N ASP B 161 12.68 19.24 -5.10
CA ASP B 161 13.28 20.36 -5.80
C ASP B 161 14.42 19.86 -6.67
N PRO B 162 14.16 19.44 -7.91
CA PRO B 162 15.23 18.94 -8.79
C PRO B 162 15.92 20.07 -9.55
N SER B 163 16.43 21.06 -8.81
CA SER B 163 17.06 22.20 -9.45
C SER B 163 18.45 21.88 -9.99
N LYS B 164 19.19 21.00 -9.30
CA LYS B 164 20.59 20.77 -9.60
C LYS B 164 20.84 19.46 -10.33
N LEU B 165 19.80 18.77 -10.77
CA LEU B 165 20.00 17.52 -11.50
C LEU B 165 20.53 17.80 -12.91
N PRO B 166 21.23 16.82 -13.49
CA PRO B 166 21.62 16.94 -14.90
C PRO B 166 20.41 16.72 -15.81
N GLY B 167 20.18 17.67 -16.71
CA GLY B 167 19.03 17.64 -17.59
C GLY B 167 17.77 18.25 -17.02
N GLN B 168 17.73 18.51 -15.72
CA GLN B 168 16.60 19.16 -15.05
C GLN B 168 17.14 20.38 -14.32
N SER B 169 17.22 21.51 -15.03
CA SER B 169 17.61 22.77 -14.43
C SER B 169 16.56 23.85 -14.58
N LYS B 170 15.54 23.64 -15.41
CA LYS B 170 14.44 24.58 -15.54
C LYS B 170 13.22 24.18 -14.73
N VAL B 171 13.05 22.90 -14.43
CA VAL B 171 11.93 22.43 -13.62
C VAL B 171 12.27 22.66 -12.15
N LYS B 172 11.41 23.41 -11.45
CA LYS B 172 11.64 23.75 -10.05
C LYS B 172 10.70 23.00 -9.11
N ASN B 173 9.98 22.00 -9.61
CA ASN B 173 9.07 21.25 -8.76
C ASN B 173 8.82 19.89 -9.39
N ALA B 174 9.01 18.83 -8.61
CA ALA B 174 8.76 17.47 -9.07
C ALA B 174 8.30 16.63 -7.89
N LEU B 175 7.81 15.44 -8.19
CA LEU B 175 7.20 14.58 -7.20
C LEU B 175 7.96 13.26 -7.12
N ALA B 176 8.31 12.86 -5.90
CA ALA B 176 8.98 11.61 -5.64
C ALA B 176 8.21 10.80 -4.61
N ALA B 177 7.98 9.53 -4.90
CA ALA B 177 7.22 8.66 -4.02
C ALA B 177 8.10 8.17 -2.89
N ILE B 178 7.55 8.15 -1.67
CA ILE B 178 8.24 7.69 -0.47
C ILE B 178 7.25 6.92 0.40
N HIS B 179 7.77 6.38 1.49
CA HIS B 179 6.96 5.69 2.48
C HIS B 179 6.21 6.68 3.35
N VAL B 180 5.10 6.23 3.92
CA VAL B 180 4.32 7.02 4.87
C VAL B 180 4.26 6.26 6.19
N ALA B 181 4.34 7.00 7.29
CA ALA B 181 4.10 6.41 8.59
C ALA B 181 2.70 5.82 8.61
N PRO B 182 2.52 4.59 9.09
CA PRO B 182 1.20 3.94 9.00
C PRO B 182 0.10 4.70 9.72
N ASN B 183 0.46 5.51 10.73
CA ASN B 183 -0.54 6.33 11.42
C ASN B 183 -1.26 7.25 10.44
N ASP B 184 -0.49 8.00 9.63
CA ASP B 184 -1.10 8.95 8.71
C ASP B 184 -1.87 8.24 7.61
N ALA B 185 -1.35 7.13 7.10
CA ALA B 185 -2.05 6.40 6.06
C ALA B 185 -3.39 5.87 6.57
N ASN B 186 -3.39 5.31 7.79
CA ASN B 186 -4.63 4.85 8.39
C ASN B 186 -5.59 6.02 8.63
N LYS B 187 -5.06 7.16 9.07
CA LYS B 187 -5.89 8.34 9.24
C LYS B 187 -6.58 8.72 7.94
N MET B 188 -5.83 8.76 6.85
CA MET B 188 -6.40 9.17 5.57
C MET B 188 -7.42 8.15 5.08
N ARG B 189 -7.12 6.86 5.19
CA ARG B 189 -8.08 5.84 4.76
C ARG B 189 -9.36 5.89 5.58
N PHE B 190 -9.24 6.04 6.90
CA PHE B 190 -10.41 6.15 7.75
C PHE B 190 -11.21 7.39 7.41
N ARG B 191 -10.53 8.51 7.13
CA ARG B 191 -11.23 9.73 6.75
C ARG B 191 -12.00 9.55 5.46
N MET B 192 -11.39 8.90 4.47
CA MET B 192 -12.08 8.66 3.21
C MET B 192 -13.31 7.78 3.41
N ALA B 193 -13.16 6.69 4.19
CA ALA B 193 -14.29 5.80 4.43
C ALA B 193 -15.39 6.52 5.19
N PHE B 194 -15.02 7.35 6.17
CA PHE B 194 -16.00 8.08 6.96
C PHE B 194 -16.75 9.10 6.13
N GLU B 195 -16.04 9.80 5.25
CA GLU B 195 -16.69 10.73 4.34
C GLU B 195 -17.65 10.00 3.41
N TRP B 196 -17.23 8.85 2.89
CA TRP B 196 -18.10 8.09 1.99
C TRP B 196 -19.37 7.62 2.70
N CYS B 197 -19.23 7.09 3.92
CA CYS B 197 -20.40 6.62 4.64
C CYS B 197 -21.30 7.77 5.05
N LEU B 198 -20.70 8.93 5.39
CA LEU B 198 -21.49 10.11 5.69
C LEU B 198 -22.28 10.56 4.48
N MET B 199 -21.67 10.53 3.30
CA MET B 199 -22.38 10.88 2.07
C MET B 199 -23.55 9.94 1.84
N ASN B 200 -23.34 8.64 2.05
CA ASN B 200 -24.43 7.69 1.86
C ASN B 200 -25.56 7.94 2.86
N ILE B 201 -25.20 8.16 4.12
CA ILE B 201 -26.21 8.40 5.15
C ILE B 201 -27.01 9.65 4.82
N TRP B 202 -26.35 10.72 4.41
CA TRP B 202 -27.05 11.95 4.10
C TRP B 202 -27.89 11.80 2.84
N ASN B 203 -27.45 10.97 1.89
CA ASN B 203 -28.29 10.64 0.75
C ASN B 203 -29.57 9.93 1.22
N MET B 204 -29.45 9.02 2.18
CA MET B 204 -30.62 8.46 2.82
C MET B 204 -31.19 9.44 3.83
N ASN B 205 -32.34 9.06 4.42
CA ASN B 205 -32.87 9.81 5.53
C ASN B 205 -32.45 9.19 6.86
N MET B 206 -31.58 8.19 6.81
CA MET B 206 -31.22 7.44 7.99
C MET B 206 -30.48 8.32 8.98
N PRO B 207 -30.85 8.30 10.25
CA PRO B 207 -29.95 8.75 11.31
C PRO B 207 -29.04 7.61 11.75
N GLY B 208 -27.83 7.97 12.14
CA GLY B 208 -26.86 6.94 12.43
C GLY B 208 -25.86 7.38 13.48
N GLU B 209 -24.93 6.48 13.77
CA GLU B 209 -23.90 6.73 14.76
C GLU B 209 -22.68 5.88 14.46
N LEU B 210 -21.53 6.33 14.95
CA LEU B 210 -20.26 5.63 14.83
C LEU B 210 -19.81 5.18 16.22
N ASN B 211 -19.55 3.89 16.36
CA ASN B 211 -19.07 3.34 17.62
C ASN B 211 -17.67 2.77 17.44
N ILE B 212 -16.80 3.08 18.39
CA ILE B 212 -15.44 2.59 18.44
C ILE B 212 -15.40 1.56 19.57
N GLY B 213 -15.37 0.28 19.20
CA GLY B 213 -15.32 -0.78 20.18
C GLY B 213 -13.92 -1.35 20.35
N ALA B 214 -13.71 -1.98 21.51
CA ALA B 214 -12.43 -2.58 21.85
C ALA B 214 -12.58 -4.09 21.93
N GLY B 215 -11.52 -4.80 21.59
CA GLY B 215 -11.56 -6.25 21.59
C GLY B 215 -10.47 -6.83 20.72
N LYS B 216 -10.70 -8.06 20.27
CA LYS B 216 -9.77 -8.75 19.38
C LYS B 216 -10.54 -9.43 18.26
N ALA B 217 -9.98 -9.39 17.06
CA ALA B 217 -10.62 -9.96 15.88
C ALA B 217 -9.95 -11.28 15.54
N LEU B 218 -10.76 -12.31 15.30
CA LEU B 218 -10.26 -13.61 14.90
C LEU B 218 -10.96 -14.07 13.64
N TYR B 219 -10.18 -14.61 12.72
CA TYR B 219 -10.66 -15.05 11.42
C TYR B 219 -10.54 -16.57 11.32
N TYR B 220 -10.89 -17.11 10.17
CA TYR B 220 -10.71 -18.55 9.94
C TYR B 220 -10.59 -18.81 8.45
N ARG B 221 -9.65 -19.67 8.09
CA ARG B 221 -9.51 -20.11 6.71
C ARG B 221 -10.45 -21.26 6.43
N SER B 222 -11.02 -21.27 5.22
CA SER B 222 -11.99 -22.31 4.86
C SER B 222 -11.33 -23.69 4.86
N VAL B 223 -10.20 -23.83 4.17
CA VAL B 223 -9.49 -25.09 4.06
C VAL B 223 -8.04 -24.85 4.44
N ALA B 224 -7.43 -25.83 5.12
CA ALA B 224 -6.04 -25.68 5.55
C ALA B 224 -5.08 -25.60 4.39
N LYS B 225 -5.46 -26.09 3.21
CA LYS B 225 -4.59 -26.05 2.04
C LYS B 225 -4.71 -24.72 1.32
N GLN B 226 -3.72 -24.43 0.47
CA GLN B 226 -3.65 -23.19 -0.29
C GLN B 226 -3.70 -21.96 0.61
N ASN B 227 -3.08 -22.06 1.78
CA ASN B 227 -3.04 -20.97 2.75
C ASN B 227 -1.64 -20.37 2.70
N ARG B 228 -1.55 -19.16 2.17
CA ARG B 228 -0.28 -18.46 2.04
C ARG B 228 -0.02 -17.63 3.29
N ASN B 229 1.19 -17.76 3.84
CA ASN B 229 1.48 -17.16 5.14
C ASN B 229 1.45 -15.65 5.10
N VAL B 230 1.91 -15.03 4.01
CA VAL B 230 2.09 -13.58 3.96
C VAL B 230 1.39 -13.04 2.72
N MET B 231 0.34 -12.24 2.92
CA MET B 231 -0.49 -11.61 1.90
C MET B 231 -0.59 -10.11 2.12
N PRO B 232 -0.80 -9.36 1.03
CA PRO B 232 -1.10 -7.92 1.19
C PRO B 232 -2.51 -7.71 1.71
N LEU B 233 -2.78 -6.47 2.13
CA LEU B 233 -4.02 -6.17 2.81
C LEU B 233 -5.25 -6.38 1.92
N TRP B 234 -5.18 -5.94 0.66
CA TRP B 234 -6.41 -5.88 -0.14
C TRP B 234 -6.97 -7.27 -0.42
N THR B 235 -6.12 -8.25 -0.70
CA THR B 235 -6.64 -9.60 -0.91
C THR B 235 -7.21 -10.18 0.37
N VAL B 236 -6.61 -9.84 1.52
CA VAL B 236 -7.18 -10.26 2.81
C VAL B 236 -8.56 -9.65 3.00
N GLN B 237 -8.70 -8.37 2.64
CA GLN B 237 -10.00 -7.71 2.73
C GLN B 237 -11.02 -8.39 1.83
N LYS B 238 -10.61 -8.74 0.61
CA LYS B 238 -11.51 -9.42 -0.31
C LYS B 238 -11.97 -10.76 0.26
N HIS B 239 -11.04 -11.53 0.83
CA HIS B 239 -11.40 -12.81 1.42
C HIS B 239 -12.30 -12.63 2.63
N LEU B 240 -12.02 -11.63 3.46
CA LEU B 240 -12.79 -11.41 4.68
C LEU B 240 -14.16 -10.81 4.40
N TYR B 241 -14.36 -10.19 3.25
CA TYR B 241 -15.65 -9.62 2.88
C TYR B 241 -16.44 -10.55 1.97
N ALA B 242 -15.80 -11.56 1.38
CA ALA B 242 -16.52 -12.46 0.47
C ALA B 242 -17.63 -13.21 1.18
N GLN B 243 -17.30 -13.85 2.31
CA GLN B 243 -18.29 -14.61 3.08
C GLN B 243 -18.36 -14.16 4.53
N HIS B 244 -17.77 -13.02 4.84
CA HIS B 244 -17.70 -12.49 6.21
C HIS B 244 -17.17 -13.50 7.23
N PRO B 245 -16.00 -14.12 6.97
CA PRO B 245 -15.47 -15.10 7.93
C PRO B 245 -14.60 -14.45 9.01
N TYR B 246 -15.25 -13.81 9.97
CA TYR B 246 -14.55 -13.13 11.04
C TYR B 246 -15.43 -13.08 12.27
N ALA B 247 -14.82 -12.75 13.41
CA ALA B 247 -15.55 -12.64 14.65
C ALA B 247 -14.82 -11.68 15.57
N TRP B 248 -15.58 -10.81 16.22
CA TRP B 248 -15.05 -9.81 17.15
C TRP B 248 -15.36 -10.24 18.57
N PHE B 249 -14.33 -10.30 19.41
CA PHE B 249 -14.45 -10.70 20.80
C PHE B 249 -14.12 -9.48 21.65
N ALA B 250 -15.15 -8.84 22.20
CA ALA B 250 -14.97 -7.71 23.08
C ALA B 250 -14.64 -8.20 24.48
N ILE B 251 -13.49 -7.80 25.00
CA ILE B 251 -12.99 -8.27 26.29
C ILE B 251 -12.55 -7.07 27.11
N ALA B 252 -12.57 -7.21 28.43
CA ALA B 252 -12.06 -6.18 29.34
C ALA B 252 -11.73 -6.86 30.66
N SER B 253 -11.26 -6.06 31.63
CA SER B 253 -10.90 -6.57 32.95
C SER B 253 -11.38 -5.56 33.98
N GLU B 254 -11.23 -5.93 35.26
CA GLU B 254 -11.61 -5.03 36.34
C GLU B 254 -10.61 -3.91 36.54
N SER B 255 -9.32 -4.17 36.28
CA SER B 255 -8.35 -3.08 36.26
C SER B 255 -8.65 -2.09 35.15
N ASN B 256 -9.24 -2.57 34.05
CA ASN B 256 -9.65 -1.68 32.97
C ASN B 256 -10.66 -0.65 33.47
N VAL B 257 -11.44 -0.98 34.50
CA VAL B 257 -12.37 -0.01 35.06
C VAL B 257 -11.62 1.20 35.61
N ALA B 258 -10.60 0.94 36.43
CA ALA B 258 -9.80 2.03 36.99
C ALA B 258 -9.05 2.77 35.89
N ALA B 259 -8.53 2.03 34.90
CA ALA B 259 -7.81 2.68 33.81
C ALA B 259 -8.71 3.62 33.03
N MET B 260 -9.92 3.17 32.69
CA MET B 260 -10.86 4.02 31.97
C MET B 260 -11.35 5.19 32.82
N GLU B 261 -11.49 4.97 34.14
CA GLU B 261 -11.85 6.08 35.02
C GLU B 261 -10.77 7.15 34.99
N SER B 262 -9.51 6.74 35.06
CA SER B 262 -8.41 7.70 35.00
C SER B 262 -8.37 8.39 33.64
N LEU B 263 -8.63 7.65 32.56
CA LEU B 263 -8.66 8.25 31.23
C LEU B 263 -9.75 9.31 31.14
N ALA B 264 -10.95 8.99 31.65
CA ALA B 264 -12.05 9.95 31.63
C ALA B 264 -11.72 11.18 32.46
N ALA B 265 -11.12 10.99 33.63
CA ALA B 265 -10.74 12.13 34.46
C ALA B 265 -9.73 13.01 33.76
N ALA B 266 -8.75 12.40 33.08
CA ALA B 266 -7.76 13.18 32.35
C ALA B 266 -8.39 13.93 31.19
N LEU B 267 -9.35 13.31 30.49
CA LEU B 267 -9.99 13.94 29.35
C LEU B 267 -11.08 14.94 29.74
N ASN B 268 -11.23 15.23 31.04
CA ASN B 268 -12.27 16.13 31.55
C ASN B 268 -13.67 15.67 31.19
N MET B 269 -13.87 14.36 31.11
CA MET B 269 -15.16 13.81 30.73
C MET B 269 -16.20 14.07 31.81
N SER B 270 -17.44 14.23 31.39
CA SER B 270 -18.53 14.37 32.34
C SER B 270 -18.99 13.01 32.84
N ILE B 271 -19.47 12.99 34.09
CA ILE B 271 -19.91 11.72 34.69
C ILE B 271 -21.21 11.24 34.06
N GLN B 272 -22.16 12.15 33.85
CA GLN B 272 -23.47 11.88 33.22
C GLN B 272 -24.09 10.64 33.87
N GLN B 273 -24.42 9.60 33.11
CA GLN B 273 -25.11 8.44 33.63
C GLN B 273 -24.18 7.57 34.47
N GLU B 274 -24.72 6.97 35.52
CA GLU B 274 -23.96 6.10 36.42
C GLU B 274 -24.72 4.80 36.65
N ARG B 275 -24.13 3.69 36.24
CA ARG B 275 -24.53 2.34 36.66
C ARG B 275 -26.01 2.06 36.40
N THR B 276 -26.55 2.55 35.30
CA THR B 276 -27.94 2.27 34.96
C THR B 276 -28.08 0.87 34.38
N THR B 277 -29.15 0.18 34.76
CA THR B 277 -29.41 -1.18 34.36
C THR B 277 -30.53 -1.21 33.32
N SER B 278 -30.30 -1.94 32.22
CA SER B 278 -31.29 -2.07 31.16
C SER B 278 -31.15 -3.44 30.53
N TYR B 279 -32.06 -3.76 29.61
CA TYR B 279 -32.10 -5.05 28.96
C TYR B 279 -32.26 -4.89 27.46
N LYS B 280 -31.78 -5.87 26.71
CA LYS B 280 -31.94 -5.91 25.26
C LYS B 280 -32.46 -7.27 24.85
N VAL B 281 -33.46 -7.25 23.98
CA VAL B 281 -34.12 -8.51 23.54
C VAL B 281 -34.41 -8.44 22.05
N THR B 282 -34.61 -9.58 21.43
CA THR B 282 -34.95 -9.58 19.99
C THR B 282 -36.14 -10.48 19.75
N ILE B 283 -37.07 -10.02 18.94
CA ILE B 283 -38.30 -10.78 18.69
C ILE B 283 -38.34 -11.12 17.20
N ARG B 284 -38.60 -12.38 16.85
CA ARG B 284 -38.59 -12.79 15.42
C ARG B 284 -39.98 -13.13 14.93
N ARG B 285 -40.48 -12.46 13.90
CA ARG B 285 -41.77 -12.85 13.29
C ARG B 285 -41.44 -13.29 11.88
N MET B 286 -41.92 -14.47 11.48
CA MET B 286 -41.51 -15.03 10.16
C MET B 286 -39.99 -15.05 10.27
N ALA B 287 -39.27 -14.55 9.27
CA ALA B 287 -37.82 -14.39 9.43
C ALA B 287 -37.52 -12.93 9.82
N GLU B 288 -38.54 -12.08 9.93
CA GLU B 288 -38.27 -10.63 10.11
C GLU B 288 -37.74 -10.49 11.53
N PHE B 289 -36.79 -9.57 11.77
CA PHE B 289 -36.28 -9.50 13.16
C PHE B 289 -36.41 -8.11 13.78
N PHE B 290 -36.86 -7.99 15.03
CA PHE B 290 -36.93 -6.73 15.76
C PHE B 290 -35.95 -6.72 16.94
N ASP B 291 -35.18 -5.65 17.05
CA ASP B 291 -34.42 -5.37 18.26
C ASP B 291 -35.27 -4.55 19.21
N CYS B 292 -35.05 -4.73 20.51
CA CYS B 292 -35.87 -4.04 21.50
C CYS B 292 -35.03 -3.75 22.73
N GLU B 293 -35.20 -2.56 23.29
CA GLU B 293 -34.53 -2.15 24.51
C GLU B 293 -35.55 -1.92 25.60
N LEU B 294 -35.33 -2.51 26.77
CA LEU B 294 -36.28 -2.48 27.86
C LEU B 294 -35.63 -1.89 29.11
N ASN B 295 -36.45 -1.17 29.88
CA ASN B 295 -35.99 -0.57 31.12
C ASN B 295 -35.75 -1.66 32.17
N GLY B 296 -35.04 -1.29 33.24
CA GLY B 296 -34.65 -2.26 34.24
C GLY B 296 -35.81 -2.96 34.89
N GLN B 297 -36.86 -2.22 35.25
CA GLN B 297 -37.99 -2.82 35.95
C GLN B 297 -39.03 -3.41 34.99
N LEU B 298 -38.53 -4.23 34.06
CA LEU B 298 -39.37 -4.98 33.11
C LEU B 298 -40.28 -4.06 32.31
N LYS B 299 -39.80 -2.84 32.03
CA LYS B 299 -40.59 -1.86 31.30
C LYS B 299 -40.11 -1.78 29.86
N CYS B 300 -41.05 -1.97 28.93
CA CYS B 300 -40.76 -1.86 27.52
C CYS B 300 -40.47 -0.40 27.17
N THR B 301 -39.30 -0.14 26.57
CA THR B 301 -38.85 1.23 26.39
C THR B 301 -38.75 1.66 24.93
N MET B 302 -37.98 0.98 24.10
CA MET B 302 -37.72 1.49 22.76
C MET B 302 -37.67 0.34 21.75
N MET B 303 -38.32 0.55 20.60
CA MET B 303 -38.62 -0.52 19.65
C MET B 303 -37.96 -0.30 18.29
N ASN B 304 -36.68 0.03 18.29
CA ASN B 304 -35.96 0.28 17.04
C ASN B 304 -35.84 -0.99 16.21
N LYS B 305 -35.58 -0.81 14.91
CA LYS B 305 -35.20 -1.90 14.05
C LYS B 305 -33.73 -2.24 14.28
N PRO B 306 -33.31 -3.46 13.95
CA PRO B 306 -31.91 -3.84 14.16
C PRO B 306 -30.96 -2.92 13.42
N TRP B 307 -29.81 -2.64 14.05
CA TRP B 307 -28.79 -1.80 13.44
C TRP B 307 -28.37 -2.35 12.09
N ASP B 308 -28.23 -1.45 11.12
CA ASP B 308 -27.63 -1.78 9.83
C ASP B 308 -26.31 -1.05 9.71
N ARG B 309 -25.21 -1.80 9.74
CA ARG B 309 -23.87 -1.22 9.69
C ARG B 309 -23.46 -1.06 8.24
N PHE B 310 -23.32 0.18 7.80
CA PHE B 310 -22.91 0.43 6.43
C PHE B 310 -21.40 0.31 6.26
N PHE B 311 -20.65 0.44 7.35
CA PHE B 311 -19.19 0.48 7.29
C PHE B 311 -18.61 -0.13 8.56
N VAL B 312 -17.75 -1.12 8.38
CA VAL B 312 -17.04 -1.78 9.48
C VAL B 312 -15.55 -1.76 9.18
N SER B 313 -14.76 -1.33 10.17
CA SER B 313 -13.31 -1.22 10.01
C SER B 313 -12.64 -2.03 11.09
N HIS B 314 -11.77 -2.95 10.69
CA HIS B 314 -11.02 -3.77 11.63
C HIS B 314 -9.60 -3.21 11.77
N TYR B 315 -9.47 -2.15 12.57
CA TYR B 315 -8.17 -1.55 12.81
C TYR B 315 -7.36 -2.44 13.74
N ILE B 316 -6.47 -3.27 13.18
CA ILE B 316 -5.72 -4.27 13.94
C ILE B 316 -4.48 -3.58 14.50
N ARG B 317 -4.45 -3.35 15.81
CA ARG B 317 -3.26 -2.79 16.43
C ARG B 317 -2.20 -3.87 16.61
N SER B 318 -0.99 -3.44 16.97
CA SER B 318 0.10 -4.38 17.21
C SER B 318 -0.10 -5.15 18.50
N LYS B 319 -0.46 -4.45 19.57
CA LYS B 319 -0.56 -5.08 20.88
C LYS B 319 -1.91 -5.79 21.04
N MET B 320 -2.17 -6.21 22.27
CA MET B 320 -3.39 -6.98 22.56
C MET B 320 -4.66 -6.18 22.27
N PRO B 321 -4.86 -4.97 22.81
CA PRO B 321 -6.12 -4.27 22.53
C PRO B 321 -6.27 -3.98 21.05
N ASP B 322 -7.52 -4.02 20.58
CA ASP B 322 -7.81 -3.87 19.16
C ASP B 322 -9.05 -3.00 19.01
N LEU B 323 -9.02 -2.09 18.04
CA LEU B 323 -10.09 -1.11 17.84
C LEU B 323 -10.89 -1.48 16.60
N ARG B 324 -12.21 -1.31 16.70
CA ARG B 324 -13.11 -1.47 15.56
C ARG B 324 -14.03 -0.26 15.46
N TYR B 325 -14.01 0.41 14.32
CA TYR B 325 -14.92 1.52 14.06
C TYR B 325 -16.06 1.02 13.19
N VAL B 326 -17.29 1.29 13.62
CA VAL B 326 -18.46 0.86 12.86
C VAL B 326 -19.46 2.00 12.77
N VAL B 327 -19.93 2.26 11.56
CA VAL B 327 -20.94 3.27 11.29
C VAL B 327 -22.24 2.53 10.99
N ARG B 328 -23.27 2.77 11.80
CA ARG B 328 -24.51 2.03 11.72
C ARG B 328 -25.69 2.99 11.80
N ALA B 329 -26.75 2.63 11.07
CA ALA B 329 -27.98 3.43 11.03
C ALA B 329 -29.17 2.51 11.22
N ARG B 330 -30.26 3.09 11.71
CA ARG B 330 -31.51 2.38 11.96
C ARG B 330 -32.57 2.82 10.96
N HIS B 331 -33.23 1.84 10.35
CA HIS B 331 -34.36 2.13 9.48
C HIS B 331 -35.51 2.69 10.31
N PRO B 332 -36.37 3.50 9.70
CA PRO B 332 -37.58 3.95 10.40
C PRO B 332 -38.45 2.77 10.80
N ILE B 333 -39.06 2.88 11.97
CA ILE B 333 -39.92 1.83 12.52
C ILE B 333 -41.37 2.18 12.21
N LYS B 334 -42.09 1.24 11.61
CA LYS B 334 -43.48 1.48 11.27
C LYS B 334 -44.32 1.57 12.53
N LYS B 335 -45.26 2.53 12.54
CA LYS B 335 -45.78 3.07 13.79
C LYS B 335 -46.56 2.02 14.59
N ARG B 336 -47.51 1.33 13.94
CA ARG B 336 -48.49 0.55 14.70
C ARG B 336 -47.83 -0.61 15.44
N ILE B 337 -46.87 -1.29 14.81
CA ILE B 337 -46.22 -2.42 15.48
C ILE B 337 -45.43 -1.95 16.69
N ALA B 338 -44.66 -0.87 16.54
CA ALA B 338 -43.89 -0.36 17.66
C ALA B 338 -44.81 0.09 18.80
N ASP B 339 -45.89 0.79 18.45
CA ASP B 339 -46.83 1.23 19.46
C ASP B 339 -47.46 0.06 20.20
N ALA B 340 -47.86 -0.98 19.46
CA ALA B 340 -48.41 -2.17 20.10
C ALA B 340 -47.39 -2.82 21.02
N TYR B 341 -46.12 -2.84 20.61
CA TYR B 341 -45.09 -3.42 21.45
C TYR B 341 -44.88 -2.62 22.74
N LEU B 342 -45.02 -1.29 22.65
CA LEU B 342 -44.69 -0.42 23.79
C LEU B 342 -45.48 -0.80 25.04
N GLU B 343 -46.81 -0.88 24.92
CA GLU B 343 -47.62 -1.18 26.09
C GLU B 343 -47.67 -2.67 26.42
N ALA B 344 -47.55 -3.53 25.42
CA ALA B 344 -47.66 -4.97 25.66
C ALA B 344 -46.50 -5.46 26.51
N ASP B 345 -46.82 -6.33 27.48
CA ASP B 345 -45.79 -6.95 28.31
C ASP B 345 -45.16 -8.09 27.55
N ILE B 346 -43.84 -8.02 27.36
CA ILE B 346 -43.11 -8.99 26.55
C ILE B 346 -42.16 -9.84 27.39
N LEU B 347 -41.59 -9.26 28.45
CA LEU B 347 -40.57 -9.93 29.25
C LEU B 347 -41.06 -10.00 30.70
N ARG B 348 -41.52 -11.17 31.11
CA ARG B 348 -41.76 -11.44 32.51
C ARG B 348 -40.44 -11.82 33.18
N SER B 349 -40.39 -11.72 34.51
CA SER B 349 -39.19 -12.04 35.26
C SER B 349 -39.54 -12.96 36.42
N THR B 350 -39.16 -14.23 36.31
CA THR B 350 -39.14 -15.08 37.49
C THR B 350 -37.91 -14.78 38.32
N ARG B 351 -37.90 -15.28 39.56
CA ARG B 351 -36.79 -14.96 40.47
C ARG B 351 -35.47 -15.49 39.94
N ASP B 352 -35.51 -16.51 39.09
CA ASP B 352 -34.28 -17.04 38.51
C ASP B 352 -33.75 -16.15 37.40
N SER B 353 -34.56 -15.93 36.36
CA SER B 353 -34.13 -15.16 35.20
C SER B 353 -35.37 -14.61 34.50
N VAL B 354 -35.17 -14.10 33.28
CA VAL B 354 -36.25 -13.54 32.48
C VAL B 354 -36.99 -14.66 31.75
N GLN B 355 -38.14 -14.33 31.18
CA GLN B 355 -38.98 -15.30 30.50
C GLN B 355 -39.91 -14.55 29.56
N SER B 356 -40.39 -15.25 28.54
CA SER B 356 -41.18 -14.65 27.47
C SER B 356 -42.66 -14.77 27.78
N VAL B 357 -43.38 -13.64 27.66
CA VAL B 357 -44.84 -13.62 27.77
C VAL B 357 -45.39 -12.88 26.57
N LEU B 358 -44.61 -12.83 25.49
CA LEU B 358 -44.94 -12.09 24.28
C LEU B 358 -45.45 -12.97 23.16
N SER B 359 -45.70 -14.25 23.45
CA SER B 359 -46.07 -15.20 22.39
C SER B 359 -47.33 -14.83 21.61
N PRO B 360 -48.44 -14.41 22.23
CA PRO B 360 -49.72 -14.40 21.48
C PRO B 360 -49.72 -13.55 20.22
N GLU B 361 -49.06 -12.39 20.23
CA GLU B 361 -49.09 -11.49 19.08
C GLU B 361 -47.70 -11.11 18.59
N LEU B 362 -46.67 -11.85 18.98
CA LEU B 362 -45.32 -11.60 18.51
C LEU B 362 -44.65 -12.92 18.16
N GLY B 363 -43.59 -12.80 17.37
CA GLY B 363 -42.84 -14.02 17.12
C GLY B 363 -42.02 -14.36 18.34
N ASP B 364 -41.34 -15.48 18.33
CA ASP B 364 -40.67 -15.89 19.58
C ASP B 364 -39.47 -14.98 19.86
N VAL B 365 -39.11 -14.88 21.13
CA VAL B 365 -37.90 -14.19 21.53
C VAL B 365 -36.69 -15.07 21.22
N VAL B 366 -35.62 -14.44 20.76
CA VAL B 366 -34.42 -15.20 20.37
C VAL B 366 -33.27 -14.82 21.29
N TYR B 367 -33.12 -13.56 21.61
CA TYR B 367 -31.97 -13.13 22.39
C TYR B 367 -32.43 -12.31 23.57
N CYS B 368 -31.66 -12.35 24.64
CA CYS B 368 -31.90 -11.54 25.83
C CYS B 368 -30.55 -11.04 26.32
N CYS B 369 -30.59 -10.10 27.25
CA CYS B 369 -29.36 -9.56 27.84
C CYS B 369 -29.74 -8.62 28.98
N GLU B 370 -28.81 -8.47 29.91
CA GLU B 370 -28.89 -7.44 30.94
C GLU B 370 -27.64 -6.58 30.85
N ARG B 371 -27.83 -5.26 30.90
CA ARG B 371 -26.74 -4.32 30.68
C ARG B 371 -26.60 -3.39 31.88
N VAL B 372 -25.41 -3.35 32.46
CA VAL B 372 -25.02 -2.29 33.38
C VAL B 372 -24.28 -1.26 32.53
N VAL B 373 -24.84 -0.07 32.40
CA VAL B 373 -24.38 0.94 31.46
C VAL B 373 -23.87 2.14 32.23
N ARG B 374 -22.71 2.66 31.82
CA ARG B 374 -22.08 3.80 32.47
C ARG B 374 -21.55 4.71 31.37
N LYS B 375 -22.14 5.89 31.22
CA LYS B 375 -21.85 6.76 30.09
C LYS B 375 -21.16 8.04 30.55
N TRP B 376 -20.00 8.33 29.96
CA TRP B 376 -19.28 9.57 30.16
C TRP B 376 -19.35 10.39 28.88
N ALA B 377 -20.02 11.53 28.92
CA ALA B 377 -20.22 12.32 27.71
C ALA B 377 -19.39 13.60 27.77
N LYS B 378 -19.02 14.11 26.59
CA LYS B 378 -18.39 15.42 26.52
C LYS B 378 -18.53 15.97 25.10
N LYS B 379 -18.39 17.29 25.00
CA LYS B 379 -18.34 17.96 23.71
C LYS B 379 -16.90 18.00 23.23
N THR B 380 -16.68 17.58 21.99
CA THR B 380 -15.32 17.51 21.45
C THR B 380 -14.84 18.91 21.10
N ALA B 381 -13.67 18.99 20.47
CA ALA B 381 -13.15 20.28 20.03
C ALA B 381 -14.08 20.93 19.04
N THR B 382 -14.61 20.16 18.09
CA THR B 382 -15.64 20.65 17.19
C THR B 382 -17.01 20.59 17.89
N GLY B 383 -18.06 20.92 17.15
CA GLY B 383 -19.40 20.91 17.70
C GLY B 383 -20.07 19.55 17.62
N VAL B 384 -19.44 18.54 18.25
CA VAL B 384 -19.97 17.19 18.25
C VAL B 384 -19.91 16.65 19.68
N THR B 385 -20.97 15.94 20.08
CA THR B 385 -21.04 15.31 21.39
C THR B 385 -20.63 13.85 21.27
N LEU B 386 -19.70 13.41 22.11
CA LEU B 386 -19.21 12.04 22.13
C LEU B 386 -19.48 11.43 23.50
N GLN B 387 -19.64 10.11 23.51
CA GLN B 387 -19.95 9.37 24.73
C GLN B 387 -19.00 8.19 24.87
N LEU B 388 -18.73 7.82 26.11
CA LEU B 388 -17.93 6.66 26.48
C LEU B 388 -18.87 5.72 27.23
N VAL B 389 -19.23 4.61 26.59
CA VAL B 389 -20.19 3.67 27.13
C VAL B 389 -19.43 2.48 27.69
N GLU B 390 -19.60 2.22 28.98
CA GLU B 390 -19.11 1.03 29.64
C GLU B 390 -20.31 0.11 29.85
N THR B 391 -20.27 -1.05 29.21
CA THR B 391 -21.38 -2.00 29.22
C THR B 391 -20.93 -3.32 29.81
N LYS B 392 -21.44 -3.64 30.99
CA LYS B 392 -21.29 -4.97 31.57
C LYS B 392 -22.54 -5.76 31.20
N ARG B 393 -22.42 -6.68 30.26
CA ARG B 393 -23.56 -7.38 29.72
C ARG B 393 -23.54 -8.84 30.16
N THR B 394 -24.69 -9.30 30.64
CA THR B 394 -24.91 -10.69 31.03
C THR B 394 -25.89 -11.30 30.05
N PRO B 395 -25.52 -12.39 29.37
CA PRO B 395 -26.36 -12.88 28.25
C PRO B 395 -27.78 -13.27 28.64
N LEU B 396 -27.98 -13.83 29.83
CA LEU B 396 -29.32 -14.31 30.26
C LEU B 396 -29.78 -15.33 29.21
N ILE B 397 -31.03 -15.24 28.73
CA ILE B 397 -31.51 -16.20 27.73
C ILE B 397 -30.83 -15.93 26.39
N ILE B 398 -30.27 -16.98 25.79
CA ILE B 398 -29.64 -16.90 24.49
C ILE B 398 -30.03 -18.13 23.67
N THR B 399 -29.80 -18.03 22.36
CA THR B 399 -29.92 -19.17 21.47
C THR B 399 -28.67 -19.42 20.63
N LYS B 400 -27.73 -18.48 20.58
CA LYS B 400 -26.48 -18.65 19.88
C LYS B 400 -25.45 -19.29 20.80
N ALA B 401 -24.67 -20.23 20.25
CA ALA B 401 -23.76 -21.02 21.06
C ALA B 401 -22.55 -20.24 21.57
N GLY B 402 -22.33 -19.03 21.09
CA GLY B 402 -21.16 -18.28 21.50
C GLY B 402 -21.44 -17.07 22.38
N ASP B 403 -22.73 -16.77 22.60
CA ASP B 403 -23.09 -15.55 23.32
C ASP B 403 -22.85 -15.65 24.81
N GLU B 404 -22.82 -16.85 25.38
CA GLU B 404 -22.79 -17.00 26.83
C GLU B 404 -21.52 -16.41 27.41
N GLY B 405 -21.61 -15.99 28.67
CA GLY B 405 -20.49 -15.37 29.36
C GLY B 405 -20.66 -13.88 29.53
N GLU B 406 -20.45 -13.39 30.75
CA GLU B 406 -20.54 -11.95 31.01
C GLU B 406 -19.38 -11.23 30.32
N ARG B 407 -19.70 -10.18 29.56
CA ARG B 407 -18.71 -9.44 28.80
C ARG B 407 -18.71 -7.98 29.22
N LEU B 408 -17.53 -7.42 29.44
CA LEU B 408 -17.38 -6.01 29.75
C LEU B 408 -16.80 -5.32 28.51
N GLU B 409 -17.45 -4.25 28.06
CA GLU B 409 -17.07 -3.55 26.85
C GLU B 409 -16.94 -2.07 27.12
N TYR B 410 -15.92 -1.46 26.52
CA TYR B 410 -15.72 -0.02 26.55
C TYR B 410 -15.77 0.50 25.12
N GLU B 411 -16.65 1.47 24.87
CA GLU B 411 -16.87 1.95 23.51
C GLU B 411 -16.95 3.47 23.49
N TRP B 412 -16.50 4.04 22.38
CA TRP B 412 -16.88 5.40 22.02
C TRP B 412 -18.14 5.35 21.18
N ILE B 413 -19.01 6.32 21.38
CA ILE B 413 -20.22 6.46 20.58
C ILE B 413 -20.37 7.92 20.19
N VAL B 414 -20.50 8.17 18.89
CA VAL B 414 -20.67 9.52 18.36
C VAL B 414 -21.87 9.52 17.42
N PRO B 415 -22.94 10.25 17.72
CA PRO B 415 -24.03 10.37 16.76
C PRO B 415 -23.55 11.03 15.48
N LEU B 416 -24.04 10.55 14.36
CA LEU B 416 -23.61 11.08 13.07
C LEU B 416 -24.10 12.51 12.91
N PRO B 417 -23.22 13.49 12.71
CA PRO B 417 -23.67 14.86 12.52
C PRO B 417 -24.53 15.00 11.28
N GLN B 418 -25.53 15.87 11.35
CA GLN B 418 -26.42 16.07 10.23
C GLN B 418 -25.75 16.91 9.14
N GLN B 419 -26.31 16.83 7.94
CA GLN B 419 -25.77 17.60 6.82
C GLN B 419 -25.85 19.10 7.08
N ALA B 420 -26.98 19.56 7.64
CA ALA B 420 -27.18 20.99 7.85
C ALA B 420 -26.17 21.55 8.84
N GLU B 421 -25.74 20.74 9.81
CA GLU B 421 -24.80 21.23 10.82
C GLU B 421 -23.48 21.65 10.19
N ARG B 422 -23.05 20.96 9.14
CA ARG B 422 -21.85 21.30 8.38
C ARG B 422 -20.63 21.38 9.29
N ILE B 423 -20.39 20.28 9.99
CA ILE B 423 -19.24 20.19 10.89
C ILE B 423 -18.00 19.86 10.07
N ASP B 424 -16.83 20.29 10.58
CA ASP B 424 -15.56 20.05 9.91
C ASP B 424 -15.27 18.56 9.94
N ILE B 425 -15.40 17.90 8.79
CA ILE B 425 -15.28 16.45 8.74
C ILE B 425 -13.85 16.01 9.02
N ALA B 426 -12.87 16.71 8.45
CA ALA B 426 -11.47 16.32 8.64
C ALA B 426 -11.05 16.42 10.10
N ALA B 427 -11.37 17.55 10.74
CA ALA B 427 -11.02 17.72 12.14
C ALA B 427 -11.75 16.71 13.03
N LEU B 428 -13.02 16.44 12.71
CA LEU B 428 -13.77 15.44 13.47
C LEU B 428 -13.13 14.07 13.35
N THR B 429 -12.73 13.69 12.13
CA THR B 429 -12.08 12.40 11.92
C THR B 429 -10.76 12.33 12.68
N ASP B 430 -9.98 13.41 12.64
CA ASP B 430 -8.72 13.42 13.38
C ASP B 430 -8.95 13.26 14.87
N GLU B 431 -9.95 13.98 15.41
CA GLU B 431 -10.26 13.86 16.84
C GLU B 431 -10.74 12.47 17.20
N LEU B 432 -11.59 11.87 16.37
CA LEU B 432 -12.05 10.51 16.63
C LEU B 432 -10.91 9.49 16.59
N TRP B 433 -10.01 9.59 15.62
CA TRP B 433 -8.85 8.70 15.60
C TRP B 433 -7.97 8.90 16.82
N GLU B 434 -7.74 10.15 17.21
CA GLU B 434 -6.92 10.41 18.39
C GLU B 434 -7.55 9.84 19.64
N TYR B 435 -8.86 9.99 19.79
CA TYR B 435 -9.53 9.48 20.99
C TYR B 435 -9.58 7.97 21.00
N GLY B 436 -9.76 7.34 19.83
CA GLY B 436 -9.68 5.89 19.77
C GLY B 436 -8.31 5.38 20.15
N ASN B 437 -7.25 6.04 19.67
CA ASN B 437 -5.91 5.67 20.06
C ASN B 437 -5.67 5.88 21.55
N LYS B 438 -6.21 6.96 22.12
CA LYS B 438 -6.08 7.17 23.56
C LYS B 438 -6.77 6.06 24.34
N LEU B 439 -7.97 5.67 23.91
CA LEU B 439 -8.68 4.57 24.54
C LEU B 439 -7.86 3.28 24.50
N ALA B 440 -7.32 2.97 23.32
CA ALA B 440 -6.53 1.76 23.16
C ALA B 440 -5.29 1.79 24.05
N ALA B 441 -4.61 2.95 24.08
CA ALA B 441 -3.40 3.06 24.90
C ALA B 441 -3.71 2.91 26.38
N ALA B 442 -4.82 3.51 26.83
CA ALA B 442 -5.21 3.37 28.24
C ALA B 442 -5.55 1.92 28.57
N LEU B 443 -6.22 1.23 27.65
CA LEU B 443 -6.64 -0.14 27.93
C LEU B 443 -5.47 -1.12 27.81
N GLU B 444 -4.42 -0.73 27.08
CA GLU B 444 -3.37 -1.68 26.73
C GLU B 444 -2.62 -2.18 27.97
N GLU B 445 -2.26 -1.28 28.88
CA GLU B 445 -1.44 -1.69 30.02
C GLU B 445 -2.15 -2.73 30.87
N GLY B 446 -3.49 -2.63 30.96
CA GLY B 446 -4.24 -3.66 31.66
C GLY B 446 -4.47 -4.89 30.81
N MET B 447 -4.50 -4.73 29.49
CA MET B 447 -4.80 -5.84 28.59
C MET B 447 -3.51 -6.48 28.04
N GLU B 448 -2.98 -7.44 28.79
CA GLU B 448 -1.88 -8.25 28.32
C GLU B 448 -2.03 -9.73 28.65
N GLU B 449 -2.96 -10.08 29.54
CA GLU B 449 -3.02 -11.45 30.06
C GLU B 449 -3.85 -12.36 29.15
N LEU B 450 -4.57 -11.78 28.19
CA LEU B 450 -5.52 -12.58 27.42
C LEU B 450 -4.83 -13.65 26.60
N MET B 451 -3.82 -13.27 25.81
CA MET B 451 -3.03 -14.18 24.96
C MET B 451 -3.87 -15.26 24.28
N VAL B 452 -5.08 -14.89 23.85
CA VAL B 452 -6.09 -15.79 23.28
C VAL B 452 -6.02 -17.22 23.85
#